data_2AT1
#
_entry.id   2AT1
#
_cell.length_a   122.200
_cell.length_b   122.200
_cell.length_c   156.600
_cell.angle_alpha   90.00
_cell.angle_beta   90.00
_cell.angle_gamma   120.00
#
_symmetry.space_group_name_H-M   'P 3 2 1'
#
loop_
_entity.id
_entity.type
_entity.pdbx_description
1 polymer 'ASPARTATE CARBAMOYLTRANSFERASE (R STATE), CATALYTIC CHAIN'
2 polymer 'ASPARTATE CARBAMOYLTRANSFERASE REGULATORY CHAIN'
3 branched alpha-D-glucopyranose-(1-4)-alpha-D-glucopyranose
4 non-polymer PHOSPHONOACETAMIDE
5 non-polymer 'ZINC ION'
#
loop_
_entity_poly.entity_id
_entity_poly.type
_entity_poly.pdbx_seq_one_letter_code
_entity_poly.pdbx_strand_id
1 'polypeptide(L)'
;ANPLYQKHIISINDLSRDDLNLVLATAAKLKANPQPELLKHKVIASCFFEASTRTRLSFQTSMHRLGASVVGFSDSANTS
LGKKGETLADTISVISTYVDAIVMRHPQEGAARLATEFSGNVPVLNAGDGSNQHPTQTLLDLFTIQQTEGRLDNLHVAMV
GDLKYGRTVHSLTQALAKFDGNRFYFIAPDALAMPEYILDMLDEKGIAWSLHSSIEEVMAEVDILYMTRVQKERLDPSEY
ANVKAQFVLRASDLHNAKANMKVLHPLPRVDEIATDVDKTPHAWYFQQAGNGIFARQALLALVLNRDLVL
;
A,C
2 'polypeptide(L)'
;MTHDNKLGVEAIKRGTVIDHIPAQIGFKLLSLFKLTETDQRITIGLNLPSGEMGRKDLIKIENTFLSEDQVDQLALYAPQ
ATVNRIDNYEVVGKSRPSLPERIDNVLVCPNSNCISHAEPVSSSFAVRKRANDIALKCKYCEKEFSHNVVLAN
;
B,D
#
# COMPACT_ATOMS: atom_id res chain seq x y z
N ALA A 1 29.82 -39.36 9.04
CA ALA A 1 28.67 -39.69 8.21
C ALA A 1 29.04 -39.15 6.84
N ASN A 2 28.31 -39.46 5.76
CA ASN A 2 28.73 -39.12 4.40
C ASN A 2 28.63 -37.63 4.15
N PRO A 3 29.13 -37.00 3.09
CA PRO A 3 29.15 -35.54 2.95
C PRO A 3 27.82 -34.80 2.97
N LEU A 4 26.65 -35.43 2.79
CA LEU A 4 25.37 -34.73 2.76
C LEU A 4 24.41 -35.29 3.79
N TYR A 5 24.89 -36.02 4.81
CA TYR A 5 23.98 -36.54 5.80
C TYR A 5 23.34 -35.39 6.58
N GLN A 6 22.04 -35.33 6.91
CA GLN A 6 21.33 -34.20 7.51
C GLN A 6 21.45 -32.86 6.83
N LYS A 7 22.07 -32.82 5.67
CA LYS A 7 22.36 -31.57 5.05
C LYS A 7 21.15 -31.13 4.23
N HIS A 8 20.70 -29.84 4.38
CA HIS A 8 19.67 -29.27 3.53
C HIS A 8 20.13 -29.10 2.06
N ILE A 9 19.26 -29.28 1.05
CA ILE A 9 19.59 -29.05 -0.36
C ILE A 9 18.69 -27.89 -0.85
N ILE A 10 19.11 -26.62 -0.71
CA ILE A 10 18.30 -25.45 -1.14
C ILE A 10 18.72 -24.90 -2.52
N SER A 11 20.01 -24.74 -2.83
CA SER A 11 20.52 -24.20 -4.09
C SER A 11 21.81 -24.88 -4.56
N ILE A 12 22.02 -24.94 -5.88
CA ILE A 12 23.23 -25.54 -6.41
C ILE A 12 24.44 -24.70 -6.01
N ASN A 13 24.25 -23.38 -5.83
CA ASN A 13 25.30 -22.50 -5.39
C ASN A 13 25.87 -22.94 -4.05
N ASP A 14 25.18 -23.66 -3.16
CA ASP A 14 25.83 -24.15 -1.97
C ASP A 14 26.44 -25.55 -2.19
N LEU A 15 26.50 -26.28 -3.31
CA LEU A 15 27.01 -27.63 -3.30
C LEU A 15 28.27 -27.62 -4.11
N SER A 16 29.15 -28.61 -3.94
CA SER A 16 30.43 -28.65 -4.66
C SER A 16 30.37 -29.70 -5.74
N ARG A 17 31.39 -29.69 -6.62
CA ARG A 17 31.50 -30.72 -7.66
C ARG A 17 31.57 -32.06 -6.93
N ASP A 18 32.11 -32.02 -5.72
CA ASP A 18 32.25 -33.24 -4.97
C ASP A 18 30.90 -33.75 -4.54
N ASP A 19 29.99 -32.92 -4.05
CA ASP A 19 28.68 -33.45 -3.67
C ASP A 19 27.84 -33.93 -4.83
N LEU A 20 27.97 -33.28 -5.98
CA LEU A 20 27.24 -33.63 -7.17
C LEU A 20 27.73 -34.98 -7.63
N ASN A 21 29.05 -35.18 -7.60
CA ASN A 21 29.67 -36.42 -8.01
C ASN A 21 29.34 -37.58 -7.13
N LEU A 22 29.23 -37.32 -5.81
CA LEU A 22 28.80 -38.38 -4.91
C LEU A 22 27.35 -38.74 -5.30
N VAL A 23 26.39 -37.76 -5.36
CA VAL A 23 24.96 -37.97 -5.69
C VAL A 23 24.73 -38.68 -7.00
N LEU A 24 25.49 -38.44 -8.04
CA LEU A 24 25.33 -39.21 -9.25
C LEU A 24 25.92 -40.60 -9.02
N ALA A 25 27.07 -40.76 -8.37
CA ALA A 25 27.63 -42.09 -8.12
C ALA A 25 26.67 -43.03 -7.38
N THR A 26 26.03 -42.48 -6.32
CA THR A 26 24.99 -43.14 -5.54
C THR A 26 23.84 -43.43 -6.44
N ALA A 27 23.45 -42.51 -7.31
CA ALA A 27 22.37 -42.76 -8.25
C ALA A 27 22.65 -43.94 -9.20
N ALA A 28 23.91 -44.08 -9.63
CA ALA A 28 24.29 -45.21 -10.47
C ALA A 28 24.25 -46.50 -9.65
N LYS A 29 24.63 -46.46 -8.36
CA LYS A 29 24.56 -47.65 -7.53
C LYS A 29 23.16 -48.12 -7.32
N LEU A 30 22.32 -47.31 -6.69
CA LEU A 30 20.90 -47.59 -6.44
C LEU A 30 20.20 -48.04 -7.70
N LYS A 31 20.44 -47.47 -8.90
CA LYS A 31 19.78 -47.96 -10.13
C LYS A 31 20.14 -49.43 -10.46
N ALA A 32 21.37 -49.76 -10.14
CA ALA A 32 21.83 -51.12 -10.30
C ALA A 32 21.36 -52.00 -9.14
N ASN A 33 21.31 -51.50 -7.91
CA ASN A 33 20.95 -52.36 -6.80
C ASN A 33 20.14 -51.64 -5.75
N PRO A 34 18.82 -51.86 -5.89
CA PRO A 34 17.76 -51.21 -5.17
C PRO A 34 17.98 -51.55 -3.76
N GLN A 35 17.52 -50.68 -2.87
CA GLN A 35 17.62 -50.97 -1.45
C GLN A 35 16.23 -50.77 -0.87
N PRO A 36 15.26 -51.69 -1.01
CA PRO A 36 13.87 -51.59 -0.57
C PRO A 36 13.53 -51.08 0.85
N GLU A 37 14.46 -51.39 1.72
CA GLU A 37 14.25 -51.06 3.10
C GLU A 37 15.14 -49.89 3.42
N LEU A 38 15.86 -49.25 2.51
CA LEU A 38 16.88 -48.30 2.91
C LEU A 38 16.43 -47.17 3.84
N LEU A 39 15.17 -46.77 3.77
CA LEU A 39 14.66 -45.73 4.62
C LEU A 39 13.40 -46.25 5.33
N LYS A 40 13.33 -47.58 5.50
CA LYS A 40 12.27 -48.24 6.26
C LYS A 40 12.23 -47.69 7.71
N HIS A 41 11.20 -46.89 8.01
CA HIS A 41 10.87 -46.23 9.29
C HIS A 41 11.04 -44.72 9.22
N LYS A 42 11.50 -44.13 8.13
CA LYS A 42 11.55 -42.69 8.01
C LYS A 42 10.21 -42.08 7.49
N VAL A 43 9.51 -41.07 8.04
CA VAL A 43 8.41 -40.40 7.33
C VAL A 43 8.88 -39.05 6.75
N ILE A 44 8.69 -38.74 5.44
CA ILE A 44 9.04 -37.48 4.76
C ILE A 44 7.76 -36.69 4.44
N ALA A 45 7.76 -35.37 4.68
CA ALA A 45 6.66 -34.46 4.33
C ALA A 45 6.78 -34.17 2.84
N SER A 46 5.75 -34.12 2.04
CA SER A 46 5.87 -33.74 0.63
C SER A 46 4.87 -32.62 0.49
N CYS A 47 5.41 -31.40 0.62
CA CYS A 47 4.69 -30.14 0.69
C CYS A 47 4.68 -29.29 -0.58
N PHE A 48 3.70 -29.41 -1.43
CA PHE A 48 3.73 -28.59 -2.62
C PHE A 48 2.73 -27.48 -2.54
N PHE A 49 3.19 -26.25 -2.39
CA PHE A 49 2.38 -25.07 -2.43
C PHE A 49 2.27 -24.63 -3.90
N GLU A 50 2.57 -25.42 -4.91
CA GLU A 50 2.54 -25.03 -6.31
C GLU A 50 2.22 -26.27 -7.14
N ALA A 51 2.07 -26.22 -8.45
CA ALA A 51 1.61 -27.34 -9.24
C ALA A 51 2.75 -28.28 -9.45
N SER A 52 2.46 -29.56 -9.68
CA SER A 52 3.51 -30.48 -10.02
C SER A 52 2.93 -31.78 -10.48
N THR A 53 3.66 -32.47 -11.30
CA THR A 53 3.34 -33.77 -11.77
C THR A 53 4.66 -34.48 -11.49
N ARG A 54 5.68 -34.22 -12.33
CA ARG A 54 7.06 -34.76 -12.31
C ARG A 54 7.80 -34.71 -10.97
N THR A 55 8.02 -33.53 -10.40
CA THR A 55 8.74 -33.50 -9.17
C THR A 55 7.93 -34.11 -8.04
N ARG A 56 6.72 -33.74 -7.68
CA ARG A 56 6.05 -34.31 -6.53
C ARG A 56 5.87 -35.80 -6.61
N LEU A 57 5.45 -36.32 -7.79
CA LEU A 57 5.28 -37.77 -7.93
C LEU A 57 6.58 -38.61 -7.96
N SER A 58 7.70 -38.21 -8.60
CA SER A 58 8.91 -38.99 -8.61
C SER A 58 9.44 -38.89 -7.18
N PHE A 59 9.36 -37.74 -6.48
CA PHE A 59 9.84 -37.68 -5.11
C PHE A 59 9.09 -38.70 -4.26
N GLN A 60 7.75 -38.60 -4.16
CA GLN A 60 6.95 -39.56 -3.41
C GLN A 60 7.11 -41.01 -3.93
N THR A 61 7.46 -41.30 -5.17
CA THR A 61 7.76 -42.65 -5.63
C THR A 61 9.15 -43.02 -5.16
N SER A 62 10.23 -42.23 -5.28
CA SER A 62 11.55 -42.52 -4.69
C SER A 62 11.43 -42.77 -3.19
N MET A 63 10.92 -41.90 -2.33
CA MET A 63 10.64 -42.22 -0.93
C MET A 63 9.98 -43.61 -0.71
N HIS A 64 8.92 -43.91 -1.49
CA HIS A 64 8.22 -45.18 -1.39
C HIS A 64 9.12 -46.27 -1.83
N ARG A 65 9.91 -46.11 -2.87
CA ARG A 65 10.74 -47.19 -3.36
C ARG A 65 11.94 -47.45 -2.48
N LEU A 66 12.10 -46.73 -1.35
CA LEU A 66 13.11 -46.96 -0.35
C LEU A 66 12.42 -47.26 0.99
N GLY A 67 11.12 -47.55 1.08
CA GLY A 67 10.47 -47.85 2.36
C GLY A 67 9.93 -46.69 3.22
N ALA A 68 10.02 -45.45 2.73
CA ALA A 68 9.59 -44.30 3.48
C ALA A 68 8.12 -44.00 3.41
N SER A 69 7.64 -43.28 4.39
CA SER A 69 6.26 -42.90 4.40
C SER A 69 6.13 -41.44 4.09
N VAL A 70 5.10 -41.08 3.37
CA VAL A 70 4.94 -39.76 2.85
C VAL A 70 3.70 -39.18 3.47
N VAL A 71 3.73 -37.96 4.06
CA VAL A 71 2.51 -37.24 4.44
C VAL A 71 2.69 -35.88 3.76
N GLY A 72 1.62 -35.09 3.51
CA GLY A 72 1.80 -33.76 2.95
C GLY A 72 0.58 -33.25 2.20
N PHE A 73 0.77 -32.35 1.25
CA PHE A 73 -0.31 -31.68 0.55
C PHE A 73 0.15 -31.23 -0.82
N SER A 74 -0.73 -31.18 -1.79
CA SER A 74 -0.36 -30.77 -3.12
C SER A 74 -0.92 -29.42 -3.52
N ASP A 75 -1.58 -28.87 -2.53
CA ASP A 75 -2.27 -27.62 -2.68
C ASP A 75 -2.32 -26.95 -1.33
N SER A 76 -2.15 -25.65 -1.24
CA SER A 76 -2.21 -24.96 0.05
C SER A 76 -3.64 -24.63 0.39
N ALA A 77 -4.59 -24.77 -0.54
CA ALA A 77 -5.98 -24.36 -0.31
C ALA A 77 -6.67 -24.82 0.96
N ASN A 78 -6.35 -26.05 1.33
CA ASN A 78 -6.98 -26.60 2.47
C ASN A 78 -6.04 -26.78 3.61
N THR A 79 -4.88 -26.10 3.68
CA THR A 79 -4.00 -26.18 4.86
C THR A 79 -4.48 -25.02 5.73
N SER A 80 -4.06 -24.77 6.96
CA SER A 80 -4.41 -23.54 7.69
C SER A 80 -3.67 -22.31 7.13
N LEU A 81 -2.49 -22.48 6.51
CA LEU A 81 -1.84 -21.39 5.78
C LEU A 81 -2.86 -20.99 4.69
N GLY A 82 -3.44 -21.96 3.99
CA GLY A 82 -4.42 -21.69 2.98
C GLY A 82 -5.69 -21.05 3.48
N LYS A 83 -6.26 -21.42 4.60
CA LYS A 83 -7.52 -20.80 4.99
C LYS A 83 -7.54 -20.11 6.35
N LYS A 84 -6.67 -20.47 7.31
CA LYS A 84 -6.75 -19.84 8.63
C LYS A 84 -5.75 -18.70 8.85
N GLY A 85 -4.87 -18.52 7.88
CA GLY A 85 -4.01 -17.38 7.87
C GLY A 85 -2.64 -17.62 8.44
N GLU A 86 -2.10 -18.83 8.58
CA GLU A 86 -0.75 -18.81 9.14
C GLU A 86 0.47 -18.61 8.24
N THR A 87 1.55 -18.21 8.93
CA THR A 87 2.80 -18.02 8.24
C THR A 87 3.42 -19.34 7.92
N LEU A 88 4.24 -19.25 6.88
CA LEU A 88 5.06 -20.36 6.38
C LEU A 88 5.98 -20.91 7.47
N ALA A 89 6.52 -19.93 8.20
CA ALA A 89 7.36 -20.18 9.36
C ALA A 89 6.59 -20.96 10.42
N ASP A 90 5.29 -20.75 10.61
CA ASP A 90 4.66 -21.59 11.58
C ASP A 90 4.23 -22.84 10.94
N THR A 91 4.03 -22.93 9.62
CA THR A 91 3.79 -24.25 9.04
C THR A 91 4.98 -25.19 9.25
N ILE A 92 6.14 -24.69 8.84
CA ILE A 92 7.44 -25.37 8.92
C ILE A 92 7.81 -25.73 10.37
N SER A 93 7.59 -24.81 11.32
CA SER A 93 7.81 -25.09 12.72
C SER A 93 6.94 -26.24 13.22
N VAL A 94 5.62 -26.31 13.00
CA VAL A 94 4.89 -27.46 13.50
C VAL A 94 5.24 -28.72 12.68
N ILE A 95 5.51 -28.59 11.39
CA ILE A 95 5.80 -29.76 10.59
C ILE A 95 7.16 -30.31 10.83
N SER A 96 8.09 -29.54 11.38
CA SER A 96 9.34 -30.10 11.81
C SER A 96 9.13 -30.98 13.00
N THR A 97 8.05 -30.92 13.79
CA THR A 97 7.96 -31.81 14.93
C THR A 97 7.36 -33.16 14.57
N TYR A 98 7.04 -33.45 13.29
CA TYR A 98 6.42 -34.71 12.91
C TYR A 98 7.18 -35.62 11.99
N VAL A 99 7.89 -35.07 11.02
CA VAL A 99 8.54 -35.81 9.97
C VAL A 99 10.05 -35.63 10.04
N ASP A 100 10.66 -36.56 9.33
CA ASP A 100 12.10 -36.70 9.24
C ASP A 100 12.79 -35.89 8.18
N ALA A 101 12.09 -35.39 7.18
CA ALA A 101 12.68 -34.56 6.16
C ALA A 101 11.46 -33.92 5.48
N ILE A 102 11.60 -32.69 4.96
CA ILE A 102 10.57 -31.86 4.34
C ILE A 102 10.92 -31.66 2.88
N VAL A 103 10.15 -32.03 1.88
CA VAL A 103 10.42 -31.69 0.47
C VAL A 103 9.41 -30.57 0.21
N MET A 104 9.66 -29.40 -0.31
CA MET A 104 8.67 -28.34 -0.37
C MET A 104 8.80 -27.56 -1.67
N ARG A 105 7.67 -27.18 -2.29
CA ARG A 105 7.68 -26.37 -3.49
C ARG A 105 6.98 -25.08 -3.23
N HIS A 106 7.49 -23.95 -3.64
CA HIS A 106 6.81 -22.72 -3.31
C HIS A 106 6.94 -21.76 -4.46
N PRO A 107 5.88 -20.91 -4.64
CA PRO A 107 5.82 -19.75 -5.54
C PRO A 107 6.65 -18.50 -5.28
N GLN A 108 7.35 -18.53 -4.16
CA GLN A 108 8.12 -17.40 -3.72
C GLN A 108 9.55 -17.84 -3.62
N GLU A 109 10.37 -17.09 -4.30
CA GLU A 109 11.78 -17.27 -4.20
C GLU A 109 12.17 -17.01 -2.72
N GLY A 110 12.99 -17.95 -2.24
CA GLY A 110 13.50 -17.91 -0.89
C GLY A 110 12.75 -18.81 0.12
N ALA A 111 11.65 -19.47 -0.28
CA ALA A 111 10.86 -20.21 0.67
C ALA A 111 11.57 -21.39 1.29
N ALA A 112 12.44 -22.13 0.61
CA ALA A 112 13.10 -23.26 1.26
C ALA A 112 14.17 -22.74 2.25
N ARG A 113 14.97 -21.71 1.91
CA ARG A 113 15.94 -21.14 2.85
C ARG A 113 15.20 -20.61 4.09
N LEU A 114 14.10 -19.88 3.90
CA LEU A 114 13.22 -19.46 4.99
C LEU A 114 12.82 -20.67 5.82
N ALA A 115 12.51 -21.81 5.22
CA ALA A 115 12.10 -22.96 5.97
C ALA A 115 13.26 -23.63 6.61
N THR A 116 14.53 -23.40 6.28
CA THR A 116 15.57 -24.07 7.03
C THR A 116 15.66 -23.29 8.32
N GLU A 117 15.45 -21.99 8.37
CA GLU A 117 15.61 -21.27 9.63
C GLU A 117 14.69 -21.75 10.76
N PHE A 118 13.61 -22.47 10.38
CA PHE A 118 12.61 -22.95 11.31
C PHE A 118 12.50 -24.46 11.23
N SER A 119 13.22 -25.24 10.43
CA SER A 119 13.01 -26.67 10.38
C SER A 119 13.76 -27.36 11.49
N GLY A 120 14.55 -26.60 12.22
CA GLY A 120 15.35 -27.10 13.31
C GLY A 120 16.42 -27.96 12.70
N ASN A 121 16.42 -29.20 13.13
CA ASN A 121 17.38 -30.18 12.70
C ASN A 121 16.90 -31.01 11.51
N VAL A 122 15.64 -30.86 11.09
CA VAL A 122 15.03 -31.62 10.01
C VAL A 122 15.59 -31.06 8.70
N PRO A 123 16.03 -31.78 7.65
CA PRO A 123 16.44 -31.16 6.40
C PRO A 123 15.26 -30.75 5.50
N VAL A 124 15.55 -29.78 4.66
CA VAL A 124 14.54 -29.19 3.78
C VAL A 124 15.15 -29.45 2.42
N LEU A 125 14.57 -30.27 1.55
CA LEU A 125 15.04 -30.33 0.18
C LEU A 125 14.13 -29.41 -0.65
N ASN A 126 14.68 -28.50 -1.40
CA ASN A 126 13.96 -27.62 -2.27
C ASN A 126 13.42 -28.29 -3.54
N ALA A 127 12.12 -28.35 -3.65
CA ALA A 127 11.52 -28.88 -4.87
C ALA A 127 11.30 -27.76 -5.93
N GLY A 128 11.62 -26.50 -5.65
CA GLY A 128 11.59 -25.39 -6.56
C GLY A 128 11.06 -24.21 -5.77
N ASP A 129 11.86 -23.19 -5.53
CA ASP A 129 11.32 -22.03 -4.85
C ASP A 129 11.17 -20.88 -5.84
N GLY A 130 10.04 -20.79 -6.56
CA GLY A 130 9.76 -19.66 -7.46
C GLY A 130 10.60 -19.77 -8.69
N SER A 131 11.23 -18.69 -9.15
CA SER A 131 12.09 -18.84 -10.31
C SER A 131 13.55 -18.93 -9.94
N ASN A 132 13.80 -19.13 -8.67
CA ASN A 132 15.16 -19.15 -8.23
C ASN A 132 15.91 -20.43 -8.65
N GLN A 133 15.78 -21.53 -7.92
CA GLN A 133 16.61 -22.71 -7.96
C GLN A 133 15.68 -23.90 -7.92
N HIS A 134 16.11 -24.98 -8.54
CA HIS A 134 15.42 -26.22 -8.50
C HIS A 134 16.54 -27.26 -8.46
N PRO A 135 17.26 -27.51 -7.33
CA PRO A 135 18.41 -28.41 -7.29
C PRO A 135 18.17 -29.86 -7.61
N THR A 136 17.06 -30.53 -7.34
CA THR A 136 16.92 -31.93 -7.70
C THR A 136 16.67 -32.21 -9.18
N GLN A 137 16.24 -31.14 -9.86
CA GLN A 137 16.08 -31.17 -11.31
C GLN A 137 17.45 -31.37 -11.90
N THR A 138 18.35 -30.46 -11.47
CA THR A 138 19.71 -30.49 -11.95
C THR A 138 20.40 -31.81 -11.71
N LEU A 139 20.16 -32.52 -10.62
CA LEU A 139 20.81 -33.79 -10.40
C LEU A 139 20.26 -34.79 -11.38
N LEU A 140 18.98 -34.83 -11.80
CA LEU A 140 18.58 -35.84 -12.77
C LEU A 140 19.04 -35.37 -14.14
N ASP A 141 19.31 -34.09 -14.39
CA ASP A 141 19.83 -33.66 -15.67
C ASP A 141 21.24 -34.16 -15.77
N LEU A 142 22.08 -33.93 -14.74
CA LEU A 142 23.50 -34.30 -14.75
C LEU A 142 23.64 -35.79 -14.88
N PHE A 143 22.81 -36.57 -14.18
CA PHE A 143 22.81 -38.00 -14.29
C PHE A 143 22.47 -38.23 -15.76
N THR A 144 21.43 -37.63 -16.37
CA THR A 144 21.15 -37.94 -17.75
C THR A 144 22.21 -37.48 -18.75
N ILE A 145 22.86 -36.33 -18.60
CA ILE A 145 23.95 -35.85 -19.45
C ILE A 145 25.17 -36.82 -19.39
N GLN A 146 25.58 -37.24 -18.21
CA GLN A 146 26.70 -38.11 -18.10
C GLN A 146 26.28 -39.47 -18.61
N GLN A 147 25.05 -39.88 -18.35
CA GLN A 147 24.56 -41.13 -18.89
C GLN A 147 24.69 -41.04 -20.41
N THR A 148 24.35 -39.96 -21.09
CA THR A 148 24.41 -40.02 -22.52
C THR A 148 25.77 -39.55 -22.96
N GLU A 149 26.27 -38.36 -22.73
CA GLU A 149 27.54 -37.92 -23.29
C GLU A 149 28.79 -38.49 -22.67
N GLY A 150 28.70 -39.51 -21.84
CA GLY A 150 29.87 -40.03 -21.17
C GLY A 150 30.51 -39.08 -20.16
N ARG A 151 30.37 -37.77 -20.23
CA ARG A 151 31.10 -36.88 -19.34
C ARG A 151 30.31 -35.67 -18.88
N LEU A 152 30.86 -34.89 -17.95
CA LEU A 152 30.20 -33.64 -17.55
C LEU A 152 31.20 -32.52 -17.70
N ASP A 153 32.32 -32.73 -18.41
CA ASP A 153 33.36 -31.70 -18.58
C ASP A 153 33.54 -31.66 -20.10
N ASN A 154 33.74 -30.45 -20.64
CA ASN A 154 34.02 -30.15 -22.04
C ASN A 154 32.86 -30.52 -22.93
N LEU A 155 31.70 -29.97 -22.56
CA LEU A 155 30.43 -30.19 -23.27
C LEU A 155 29.99 -28.86 -23.83
N HIS A 156 29.42 -28.92 -25.03
CA HIS A 156 28.78 -27.78 -25.68
C HIS A 156 27.29 -27.81 -25.29
N VAL A 157 26.81 -26.91 -24.41
CA VAL A 157 25.42 -26.92 -23.99
C VAL A 157 24.59 -25.69 -24.42
N ALA A 158 23.63 -25.81 -25.36
CA ALA A 158 22.76 -24.71 -25.78
C ALA A 158 21.50 -24.65 -24.91
N MET A 159 21.22 -23.64 -24.07
CA MET A 159 19.98 -23.55 -23.30
C MET A 159 19.05 -22.58 -23.98
N VAL A 160 17.98 -23.10 -24.53
CA VAL A 160 17.03 -22.33 -25.35
C VAL A 160 15.77 -21.99 -24.57
N GLY A 161 15.20 -20.80 -24.63
CA GLY A 161 13.89 -20.61 -24.06
C GLY A 161 13.80 -19.48 -23.08
N ASP A 162 13.10 -19.66 -21.96
CA ASP A 162 12.93 -18.61 -20.98
C ASP A 162 14.02 -18.87 -19.96
N LEU A 163 15.07 -18.04 -19.98
CA LEU A 163 16.18 -18.22 -19.05
C LEU A 163 15.99 -17.32 -17.83
N LYS A 164 15.23 -16.21 -17.94
CA LYS A 164 14.99 -15.32 -16.82
C LYS A 164 14.35 -16.06 -15.66
N TYR A 165 13.25 -16.71 -15.98
CA TYR A 165 12.47 -17.38 -14.99
C TYR A 165 12.73 -18.88 -14.85
N GLY A 166 13.62 -19.44 -15.67
CA GLY A 166 13.88 -20.88 -15.58
C GLY A 166 14.66 -21.27 -14.33
N ARG A 167 13.97 -21.59 -13.24
CA ARG A 167 14.60 -22.08 -12.05
C ARG A 167 15.49 -23.30 -12.46
N THR A 168 15.06 -24.08 -13.48
CA THR A 168 15.86 -25.22 -14.00
C THR A 168 17.24 -24.84 -14.62
N VAL A 169 17.23 -23.96 -15.63
CA VAL A 169 18.46 -23.48 -16.25
C VAL A 169 19.29 -22.66 -15.28
N HIS A 170 18.77 -21.86 -14.31
CA HIS A 170 19.60 -21.24 -13.26
C HIS A 170 20.44 -22.26 -12.47
N SER A 171 19.86 -23.33 -11.90
CA SER A 171 20.61 -24.41 -11.22
C SER A 171 21.49 -25.19 -12.18
N LEU A 172 21.03 -25.55 -13.39
CA LEU A 172 21.88 -26.34 -14.26
C LEU A 172 23.08 -25.51 -14.71
N THR A 173 22.99 -24.22 -15.11
CA THR A 173 24.16 -23.44 -15.47
C THR A 173 25.15 -23.36 -14.30
N GLN A 174 24.63 -23.24 -13.07
CA GLN A 174 25.51 -23.27 -11.94
C GLN A 174 26.06 -24.70 -11.79
N ALA A 175 25.36 -25.79 -12.03
CA ALA A 175 25.96 -27.09 -11.82
C ALA A 175 27.07 -27.31 -12.83
N LEU A 176 26.88 -26.98 -14.10
CA LEU A 176 27.85 -27.24 -15.15
C LEU A 176 29.02 -26.28 -15.09
N ALA A 177 28.96 -25.10 -14.48
CA ALA A 177 30.13 -24.24 -14.37
C ALA A 177 31.13 -24.70 -13.30
N LYS A 178 31.08 -25.96 -12.89
CA LYS A 178 31.92 -26.50 -11.86
C LYS A 178 32.78 -27.63 -12.39
N PHE A 179 32.52 -28.10 -13.60
CA PHE A 179 33.39 -29.10 -14.21
C PHE A 179 34.20 -28.30 -15.24
N ASP A 180 35.01 -28.90 -16.11
CA ASP A 180 35.87 -28.09 -16.95
C ASP A 180 35.43 -28.02 -18.39
N GLY A 181 35.74 -26.85 -18.92
CA GLY A 181 35.65 -26.55 -20.34
C GLY A 181 34.29 -26.78 -20.98
N ASN A 182 33.23 -26.41 -20.24
CA ASN A 182 31.88 -26.57 -20.74
C ASN A 182 31.65 -25.27 -21.45
N ARG A 183 30.91 -25.36 -22.54
CA ARG A 183 30.66 -24.24 -23.41
C ARG A 183 29.19 -23.87 -23.44
N PHE A 184 28.81 -22.61 -23.21
CA PHE A 184 27.42 -22.29 -23.28
C PHE A 184 26.96 -21.49 -24.47
N TYR A 185 25.76 -21.85 -24.93
CA TYR A 185 25.06 -21.13 -25.97
C TYR A 185 23.72 -20.81 -25.31
N PHE A 186 23.35 -19.54 -25.30
CA PHE A 186 22.09 -19.09 -24.72
C PHE A 186 21.29 -18.36 -25.78
N ILE A 187 20.12 -18.95 -25.96
CA ILE A 187 19.18 -18.56 -26.99
C ILE A 187 17.86 -18.18 -26.31
N ALA A 188 17.54 -16.94 -25.98
CA ALA A 188 16.29 -16.59 -25.32
C ALA A 188 15.70 -15.39 -26.04
N PRO A 189 14.53 -14.84 -25.81
CA PRO A 189 14.24 -13.47 -26.18
C PRO A 189 15.00 -12.55 -25.25
N ASP A 190 15.15 -11.27 -25.56
CA ASP A 190 15.78 -10.34 -24.65
C ASP A 190 15.11 -10.30 -23.29
N ALA A 191 13.77 -10.15 -23.31
CA ALA A 191 12.96 -9.97 -22.09
C ALA A 191 12.95 -11.11 -21.07
N LEU A 192 13.34 -12.27 -21.61
CA LEU A 192 13.42 -13.47 -20.83
C LEU A 192 14.82 -14.03 -20.98
N ALA A 193 15.83 -13.17 -21.02
CA ALA A 193 17.20 -13.69 -21.16
C ALA A 193 17.81 -14.21 -19.87
N MET A 194 18.95 -14.91 -19.97
CA MET A 194 19.66 -15.40 -18.79
C MET A 194 19.98 -14.34 -17.68
N PRO A 195 19.74 -14.54 -16.37
CA PRO A 195 20.09 -13.56 -15.36
C PRO A 195 21.55 -13.11 -15.39
N GLU A 196 21.75 -11.79 -15.25
CA GLU A 196 23.08 -11.24 -15.24
C GLU A 196 24.03 -11.92 -14.28
N TYR A 197 23.51 -12.09 -13.07
CA TYR A 197 24.29 -12.65 -12.00
C TYR A 197 24.89 -13.99 -12.45
N ILE A 198 24.20 -14.75 -13.30
CA ILE A 198 24.66 -16.06 -13.75
C ILE A 198 25.88 -15.89 -14.65
N LEU A 199 25.83 -14.88 -15.50
CA LEU A 199 26.86 -14.63 -16.49
C LEU A 199 28.10 -14.14 -15.80
N ASP A 200 27.95 -13.29 -14.77
CA ASP A 200 29.06 -12.83 -13.95
C ASP A 200 29.86 -14.01 -13.41
N MET A 201 29.12 -14.93 -12.81
CA MET A 201 29.65 -16.16 -12.28
C MET A 201 30.37 -16.93 -13.40
N LEU A 202 29.85 -16.85 -14.61
CA LEU A 202 30.50 -17.47 -15.76
C LEU A 202 31.82 -16.77 -16.11
N ASP A 203 31.77 -15.42 -16.13
CA ASP A 203 32.90 -14.58 -16.45
C ASP A 203 34.09 -14.83 -15.51
N GLU A 204 33.81 -14.78 -14.20
CA GLU A 204 34.81 -15.08 -13.24
C GLU A 204 35.41 -16.44 -13.49
N LYS A 205 34.69 -17.51 -13.78
CA LYS A 205 35.44 -18.74 -14.01
C LYS A 205 35.92 -18.79 -15.45
N GLY A 206 35.72 -17.69 -16.16
CA GLY A 206 36.15 -17.55 -17.52
C GLY A 206 35.54 -18.60 -18.41
N ILE A 207 34.26 -18.93 -18.19
CA ILE A 207 33.56 -19.89 -19.01
C ILE A 207 33.16 -19.17 -20.30
N ALA A 208 33.26 -19.88 -21.40
CA ALA A 208 32.86 -19.35 -22.66
C ALA A 208 31.35 -19.47 -22.86
N TRP A 209 30.62 -18.37 -22.83
CA TRP A 209 29.19 -18.42 -23.15
C TRP A 209 28.93 -17.56 -24.40
N SER A 210 27.91 -17.70 -25.24
CA SER A 210 27.76 -16.79 -26.40
C SER A 210 26.29 -16.70 -26.75
N LEU A 211 25.60 -15.56 -26.88
CA LEU A 211 24.17 -15.57 -27.23
C LEU A 211 23.93 -16.05 -28.67
N HIS A 212 22.76 -16.38 -29.19
CA HIS A 212 22.60 -16.88 -30.55
C HIS A 212 21.14 -16.73 -30.95
N SER A 213 20.75 -16.29 -32.14
CA SER A 213 19.33 -16.13 -32.37
C SER A 213 18.72 -17.32 -33.08
N SER A 214 19.38 -18.46 -33.09
CA SER A 214 18.79 -19.55 -33.84
C SER A 214 19.40 -20.85 -33.38
N ILE A 215 18.49 -21.83 -33.32
CA ILE A 215 18.85 -23.21 -33.11
C ILE A 215 19.82 -23.56 -34.26
N GLU A 216 19.43 -23.31 -35.51
CA GLU A 216 20.24 -23.65 -36.68
C GLU A 216 21.68 -23.15 -36.51
N GLU A 217 21.91 -21.98 -35.91
CA GLU A 217 23.25 -21.49 -35.76
C GLU A 217 24.06 -22.33 -34.80
N VAL A 218 23.44 -23.06 -33.84
CA VAL A 218 24.28 -23.86 -32.96
C VAL A 218 24.16 -25.34 -33.22
N MET A 219 23.11 -25.76 -33.92
CA MET A 219 22.77 -27.17 -34.14
C MET A 219 23.94 -28.14 -34.34
N ALA A 220 24.84 -27.84 -35.30
CA ALA A 220 25.92 -28.77 -35.63
C ALA A 220 27.04 -28.89 -34.58
N GLU A 221 27.23 -27.79 -33.85
CA GLU A 221 28.23 -27.68 -32.81
C GLU A 221 27.80 -28.29 -31.48
N VAL A 222 26.52 -28.38 -31.10
CA VAL A 222 26.17 -28.74 -29.72
C VAL A 222 26.10 -30.21 -29.37
N ASP A 223 26.05 -30.58 -28.09
CA ASP A 223 25.86 -31.98 -27.71
C ASP A 223 24.57 -32.18 -26.93
N ILE A 224 24.13 -31.16 -26.17
CA ILE A 224 22.94 -31.22 -25.36
C ILE A 224 22.25 -29.93 -25.76
N LEU A 225 21.04 -30.07 -26.26
CA LEU A 225 20.16 -28.94 -26.62
C LEU A 225 19.17 -29.01 -25.47
N TYR A 226 19.20 -28.14 -24.47
CA TYR A 226 18.32 -28.24 -23.33
C TYR A 226 17.32 -27.13 -23.57
N MET A 227 16.15 -27.61 -23.88
CA MET A 227 15.00 -26.76 -24.13
C MET A 227 14.14 -26.47 -22.89
N THR A 228 13.58 -25.26 -22.78
CA THR A 228 12.75 -24.91 -21.65
C THR A 228 11.39 -24.38 -22.07
N ARG A 229 10.38 -24.54 -21.22
CA ARG A 229 9.07 -23.92 -21.38
C ARG A 229 9.08 -22.47 -20.88
N VAL A 230 8.39 -21.54 -21.54
CA VAL A 230 8.17 -20.15 -21.10
C VAL A 230 7.36 -20.27 -19.81
N GLN A 231 7.86 -19.69 -18.72
CA GLN A 231 7.20 -19.67 -17.42
C GLN A 231 6.00 -18.77 -17.43
N LYS A 232 5.00 -19.12 -18.22
CA LYS A 232 3.77 -18.38 -18.40
C LYS A 232 3.27 -17.67 -17.12
N GLU A 233 3.13 -18.44 -16.04
CA GLU A 233 2.70 -17.99 -14.74
C GLU A 233 3.52 -16.93 -14.07
N ARG A 234 4.77 -16.69 -14.41
CA ARG A 234 5.57 -15.74 -13.69
C ARG A 234 5.71 -14.45 -14.50
N LEU A 235 5.35 -14.46 -15.77
CA LEU A 235 5.50 -13.27 -16.59
C LEU A 235 4.75 -12.04 -16.06
N ASP A 236 5.45 -10.93 -16.16
CA ASP A 236 4.84 -9.64 -15.90
C ASP A 236 3.85 -9.31 -17.03
N PRO A 237 2.75 -8.59 -16.90
CA PRO A 237 1.89 -8.32 -18.02
C PRO A 237 2.65 -7.55 -19.10
N SER A 238 3.64 -6.74 -18.72
CA SER A 238 4.51 -6.15 -19.75
C SER A 238 5.19 -7.25 -20.62
N GLU A 239 5.49 -8.41 -20.05
CA GLU A 239 6.17 -9.42 -20.80
C GLU A 239 5.26 -10.27 -21.68
N TYR A 240 3.94 -10.06 -21.67
CA TYR A 240 3.05 -10.95 -22.41
C TYR A 240 3.20 -10.95 -23.92
N ALA A 241 4.08 -10.09 -24.52
CA ALA A 241 4.46 -10.11 -25.95
C ALA A 241 5.09 -11.44 -26.28
N ASN A 242 5.72 -12.10 -25.31
CA ASN A 242 6.28 -13.41 -25.59
C ASN A 242 6.05 -14.52 -24.56
N VAL A 243 4.87 -15.07 -24.76
CA VAL A 243 4.22 -16.20 -24.10
C VAL A 243 4.31 -17.47 -24.99
N LYS A 244 4.42 -17.29 -26.32
CA LYS A 244 4.55 -18.41 -27.26
C LYS A 244 6.04 -18.54 -27.47
N ALA A 245 6.41 -19.81 -27.58
CA ALA A 245 7.79 -20.17 -27.78
C ALA A 245 8.28 -19.48 -29.03
N GLN A 246 9.22 -18.53 -28.89
CA GLN A 246 9.90 -17.94 -30.03
C GLN A 246 10.61 -19.09 -30.69
N PHE A 247 11.44 -19.82 -30.03
CA PHE A 247 12.12 -20.85 -30.79
C PHE A 247 11.30 -22.11 -30.57
N VAL A 248 10.72 -22.66 -31.61
CA VAL A 248 10.06 -23.96 -31.56
C VAL A 248 10.93 -24.96 -32.34
N LEU A 249 11.08 -26.22 -31.99
CA LEU A 249 12.01 -27.10 -32.63
C LEU A 249 11.25 -28.26 -33.23
N ARG A 250 11.29 -28.39 -34.56
CA ARG A 250 10.73 -29.56 -35.24
C ARG A 250 11.86 -30.50 -35.65
N ALA A 251 11.53 -31.73 -36.04
CA ALA A 251 12.51 -32.75 -36.44
C ALA A 251 13.40 -32.42 -37.64
N SER A 252 12.86 -31.60 -38.56
CA SER A 252 13.60 -31.07 -39.71
C SER A 252 14.97 -30.49 -39.32
N ASP A 253 14.92 -29.74 -38.21
CA ASP A 253 16.06 -28.99 -37.75
C ASP A 253 17.16 -29.91 -37.29
N LEU A 254 16.79 -31.10 -36.84
CA LEU A 254 17.83 -31.97 -36.39
C LEU A 254 18.66 -32.46 -37.58
N HIS A 255 18.34 -32.07 -38.84
CA HIS A 255 19.10 -32.51 -40.01
C HIS A 255 20.61 -32.42 -39.81
N ASN A 256 21.06 -31.22 -39.44
CA ASN A 256 22.49 -31.06 -39.38
C ASN A 256 22.87 -31.20 -37.92
N ALA A 257 22.72 -32.39 -37.36
CA ALA A 257 23.10 -32.52 -35.98
C ALA A 257 23.81 -33.80 -35.73
N LYS A 258 24.79 -33.50 -34.87
CA LYS A 258 25.74 -34.41 -34.21
C LYS A 258 25.05 -35.64 -33.70
N ALA A 259 25.43 -36.77 -34.21
CA ALA A 259 24.80 -38.03 -33.83
C ALA A 259 24.89 -38.38 -32.36
N ASN A 260 25.65 -37.68 -31.52
CA ASN A 260 25.67 -37.95 -30.10
C ASN A 260 24.67 -37.03 -29.45
N MET A 261 24.29 -35.95 -30.10
CA MET A 261 23.41 -34.99 -29.46
C MET A 261 22.06 -35.50 -29.01
N LYS A 262 21.73 -34.96 -27.83
CA LYS A 262 20.51 -35.19 -27.11
C LYS A 262 19.78 -33.86 -26.82
N VAL A 263 18.45 -33.85 -27.01
CA VAL A 263 17.52 -32.74 -26.76
C VAL A 263 17.00 -33.08 -25.38
N LEU A 264 17.18 -32.22 -24.43
CA LEU A 264 16.71 -32.44 -23.08
C LEU A 264 15.65 -31.36 -22.82
N HIS A 265 14.76 -31.63 -21.85
CA HIS A 265 13.69 -30.69 -21.53
C HIS A 265 13.18 -31.08 -20.16
N PRO A 266 13.08 -30.08 -19.22
CA PRO A 266 12.51 -30.27 -17.86
C PRO A 266 11.08 -30.77 -17.80
N LEU A 267 10.29 -30.28 -18.80
CA LEU A 267 8.87 -30.55 -19.06
C LEU A 267 8.06 -29.93 -17.92
N PRO A 268 6.83 -29.49 -18.09
CA PRO A 268 6.06 -29.45 -19.31
C PRO A 268 6.61 -28.67 -20.49
N ARG A 269 6.37 -29.34 -21.61
CA ARG A 269 6.61 -28.82 -22.94
C ARG A 269 5.26 -28.28 -23.37
N VAL A 270 5.22 -27.22 -24.16
CA VAL A 270 3.94 -26.80 -24.70
C VAL A 270 4.11 -26.87 -26.21
N ASP A 271 4.37 -25.75 -26.85
CA ASP A 271 4.59 -25.73 -28.27
C ASP A 271 6.06 -25.83 -28.67
N GLU A 272 7.05 -25.48 -27.86
CA GLU A 272 8.45 -25.49 -28.28
C GLU A 272 9.10 -26.77 -28.77
N ILE A 273 8.64 -27.98 -28.49
CA ILE A 273 9.27 -29.18 -28.99
C ILE A 273 8.13 -29.95 -29.64
N ALA A 274 8.16 -29.91 -30.99
CA ALA A 274 7.13 -30.42 -31.85
C ALA A 274 7.04 -31.94 -31.72
N THR A 275 5.90 -32.61 -31.73
CA THR A 275 5.86 -34.04 -31.48
C THR A 275 6.58 -35.01 -32.40
N ASP A 276 7.13 -34.57 -33.54
CA ASP A 276 7.92 -35.45 -34.41
C ASP A 276 9.33 -35.65 -33.86
N VAL A 277 9.87 -34.71 -33.05
CA VAL A 277 11.18 -34.90 -32.42
C VAL A 277 11.12 -36.15 -31.55
N ASP A 278 9.93 -36.45 -31.05
CA ASP A 278 9.67 -37.60 -30.24
C ASP A 278 10.08 -38.90 -30.87
N LYS A 279 10.28 -38.96 -32.18
CA LYS A 279 10.64 -40.25 -32.73
C LYS A 279 12.11 -40.26 -33.03
N THR A 280 12.77 -39.12 -32.96
CA THR A 280 14.14 -39.10 -33.41
C THR A 280 14.99 -39.80 -32.36
N PRO A 281 16.12 -40.33 -32.77
CA PRO A 281 17.23 -40.64 -31.91
C PRO A 281 17.63 -39.55 -30.92
N HIS A 282 17.45 -38.30 -31.29
CA HIS A 282 17.90 -37.22 -30.41
C HIS A 282 17.07 -36.93 -29.17
N ALA A 283 15.76 -37.16 -29.26
CA ALA A 283 14.87 -36.88 -28.16
C ALA A 283 15.18 -37.91 -27.08
N TRP A 284 15.40 -37.25 -25.94
CA TRP A 284 15.73 -37.92 -24.71
C TRP A 284 14.95 -37.46 -23.47
N TYR A 285 13.93 -36.59 -23.65
CA TYR A 285 13.24 -36.02 -22.48
C TYR A 285 12.41 -37.05 -21.69
N PHE A 286 11.75 -38.07 -22.27
CA PHE A 286 11.03 -38.97 -21.41
C PHE A 286 11.98 -39.88 -20.64
N GLN A 287 13.19 -39.97 -21.17
CA GLN A 287 14.27 -40.72 -20.55
C GLN A 287 14.86 -39.90 -19.42
N GLN A 288 15.11 -38.64 -19.65
CA GLN A 288 15.52 -37.74 -18.61
C GLN A 288 14.50 -37.79 -17.44
N ALA A 289 13.17 -37.72 -17.67
CA ALA A 289 12.18 -37.72 -16.59
C ALA A 289 12.32 -38.98 -15.74
N GLY A 290 12.38 -40.15 -16.32
CA GLY A 290 12.55 -41.36 -15.54
C GLY A 290 13.85 -41.38 -14.70
N ASN A 291 14.93 -40.69 -15.15
CA ASN A 291 16.11 -40.65 -14.31
C ASN A 291 15.89 -39.87 -13.06
N GLY A 292 14.75 -39.16 -12.99
CA GLY A 292 14.28 -38.50 -11.78
C GLY A 292 14.20 -39.50 -10.63
N ILE A 293 13.78 -40.75 -10.87
CA ILE A 293 13.67 -41.67 -9.76
C ILE A 293 15.00 -41.92 -9.08
N PHE A 294 16.04 -42.24 -9.85
CA PHE A 294 17.35 -42.63 -9.30
C PHE A 294 18.02 -41.42 -8.70
N ALA A 295 18.07 -40.27 -9.36
CA ALA A 295 18.67 -39.10 -8.77
C ALA A 295 17.94 -38.74 -7.50
N ARG A 296 16.62 -38.75 -7.51
CA ARG A 296 15.82 -38.34 -6.38
C ARG A 296 16.00 -39.31 -5.24
N GLN A 297 16.04 -40.63 -5.46
CA GLN A 297 16.27 -41.57 -4.38
C GLN A 297 17.70 -41.75 -3.88
N ALA A 298 18.72 -41.39 -4.67
CA ALA A 298 20.09 -41.30 -4.23
C ALA A 298 20.23 -40.14 -3.28
N LEU A 299 19.44 -39.06 -3.43
CA LEU A 299 19.53 -37.88 -2.58
C LEU A 299 18.98 -38.09 -1.18
N LEU A 300 17.79 -38.70 -1.17
CA LEU A 300 17.08 -39.05 0.05
C LEU A 300 17.92 -39.93 0.95
N ALA A 301 18.45 -41.00 0.33
CA ALA A 301 19.34 -41.93 0.99
C ALA A 301 20.54 -41.29 1.72
N LEU A 302 21.30 -40.42 1.04
CA LEU A 302 22.48 -39.72 1.55
C LEU A 302 22.10 -38.73 2.62
N VAL A 303 21.04 -37.93 2.47
CA VAL A 303 20.61 -36.98 3.50
C VAL A 303 20.08 -37.69 4.78
N LEU A 304 19.59 -38.93 4.75
CA LEU A 304 19.04 -39.57 5.93
C LEU A 304 19.80 -40.84 6.28
N ASN A 305 20.86 -41.26 5.59
CA ASN A 305 21.60 -42.41 6.08
C ASN A 305 23.02 -41.96 6.24
N ARG A 306 23.68 -42.19 7.41
CA ARG A 306 25.08 -41.78 7.56
C ARG A 306 25.92 -42.61 6.59
N ASP A 307 25.71 -43.93 6.65
CA ASP A 307 26.38 -44.97 5.85
C ASP A 307 26.22 -44.92 4.35
N LEU A 308 27.22 -44.42 3.61
CA LEU A 308 27.16 -44.33 2.16
C LEU A 308 26.80 -45.67 1.51
N VAL A 309 25.75 -45.69 0.67
CA VAL A 309 25.37 -46.91 -0.04
C VAL A 309 26.36 -47.31 -1.14
N LEU A 310 27.12 -48.22 -0.53
CA LEU A 310 28.11 -49.18 -1.03
C LEU A 310 29.11 -48.71 -2.09
N GLY B 8 32.13 25.55 17.39
CA GLY B 8 32.66 24.92 16.19
C GLY B 8 32.51 23.44 16.49
N VAL B 9 31.24 22.99 16.44
CA VAL B 9 30.88 21.64 16.92
C VAL B 9 31.15 21.58 18.47
N GLU B 10 31.35 20.40 19.12
CA GLU B 10 31.41 20.26 20.58
C GLU B 10 32.51 19.38 21.18
N ALA B 11 32.88 19.71 22.44
CA ALA B 11 33.77 18.90 23.31
C ALA B 11 32.98 17.69 23.80
N ILE B 12 33.65 16.54 23.77
CA ILE B 12 33.01 15.28 24.13
C ILE B 12 33.96 14.55 25.06
N LYS B 13 33.27 14.23 26.14
CA LYS B 13 33.76 13.38 27.22
C LYS B 13 34.19 12.02 26.67
N ARG B 14 33.23 11.17 26.30
CA ARG B 14 33.52 9.81 25.92
C ARG B 14 32.48 9.37 24.89
N GLY B 15 32.94 8.59 23.93
CA GLY B 15 32.04 7.93 23.00
C GLY B 15 32.65 7.64 21.63
N THR B 16 31.83 8.07 20.65
CA THR B 16 32.11 7.94 19.23
C THR B 16 31.76 9.28 18.53
N VAL B 17 32.63 9.67 17.59
CA VAL B 17 32.43 10.82 16.72
C VAL B 17 32.68 10.21 15.33
N ILE B 18 31.66 10.07 14.47
CA ILE B 18 31.97 9.60 13.12
C ILE B 18 32.23 10.95 12.49
N ASP B 19 33.49 11.10 12.05
CA ASP B 19 33.93 12.30 11.39
C ASP B 19 34.23 11.89 9.95
N HIS B 20 34.23 12.95 9.12
CA HIS B 20 34.50 12.90 7.68
C HIS B 20 33.40 12.26 6.84
N ILE B 21 32.13 12.40 7.25
CA ILE B 21 31.05 11.80 6.50
C ILE B 21 30.87 12.81 5.39
N PRO B 22 30.92 12.42 4.13
CA PRO B 22 30.54 13.28 3.03
C PRO B 22 29.22 14.03 3.25
N ALA B 23 29.37 15.35 3.10
CA ALA B 23 28.23 16.25 3.10
C ALA B 23 27.17 15.69 2.14
N GLN B 24 26.02 15.38 2.72
CA GLN B 24 24.78 14.86 2.11
C GLN B 24 24.48 13.48 2.64
N ILE B 25 25.45 12.78 3.21
CA ILE B 25 25.16 11.44 3.72
C ILE B 25 24.95 11.39 5.24
N GLY B 26 25.40 12.41 5.98
CA GLY B 26 25.30 12.47 7.43
C GLY B 26 23.88 12.26 7.92
N PHE B 27 22.94 12.92 7.24
CA PHE B 27 21.55 12.73 7.61
C PHE B 27 21.02 11.35 7.17
N LYS B 28 21.50 10.90 5.99
CA LYS B 28 21.10 9.60 5.39
C LYS B 28 21.52 8.46 6.28
N LEU B 29 22.61 8.64 7.03
CA LEU B 29 23.07 7.68 8.02
C LEU B 29 22.32 7.77 9.35
N LEU B 30 22.08 8.95 9.94
CA LEU B 30 21.32 9.03 11.20
C LEU B 30 19.91 8.46 11.16
N SER B 31 19.45 8.37 9.92
CA SER B 31 18.20 7.72 9.65
C SER B 31 18.36 6.22 9.42
N LEU B 32 19.20 5.80 8.47
CA LEU B 32 19.40 4.40 8.11
C LEU B 32 19.78 3.52 9.28
N PHE B 33 20.79 3.85 10.06
CA PHE B 33 21.16 3.03 11.20
C PHE B 33 20.61 3.87 12.34
N LYS B 34 19.62 3.42 13.12
CA LYS B 34 18.97 4.23 14.16
C LYS B 34 19.64 5.12 15.24
N LEU B 35 20.68 5.87 14.87
CA LEU B 35 21.52 6.71 15.72
C LEU B 35 20.74 7.74 16.50
N THR B 36 19.81 8.43 15.87
CA THR B 36 19.03 9.42 16.57
C THR B 36 18.22 8.75 17.65
N GLU B 37 17.83 7.49 17.48
CA GLU B 37 16.95 6.84 18.42
C GLU B 37 17.75 6.41 19.62
N THR B 38 17.95 7.46 20.43
CA THR B 38 18.77 7.40 21.62
C THR B 38 18.19 8.46 22.55
N ASP B 39 18.88 8.55 23.71
CA ASP B 39 18.64 9.51 24.77
C ASP B 39 19.94 10.27 25.08
N GLN B 40 20.92 9.99 24.22
CA GLN B 40 22.19 10.65 24.28
C GLN B 40 22.10 11.98 23.54
N ARG B 41 23.08 12.81 23.86
CA ARG B 41 23.27 14.12 23.25
C ARG B 41 23.97 13.82 21.92
N ILE B 42 23.39 14.24 20.81
CA ILE B 42 24.06 14.06 19.54
C ILE B 42 24.25 15.47 19.03
N THR B 43 25.40 15.74 18.47
CA THR B 43 25.59 17.04 17.86
C THR B 43 25.93 16.65 16.44
N ILE B 44 25.27 17.31 15.50
CA ILE B 44 25.53 17.02 14.10
C ILE B 44 25.83 18.36 13.48
N GLY B 45 26.88 18.31 12.67
CA GLY B 45 27.32 19.40 11.81
C GLY B 45 27.10 19.01 10.33
N LEU B 46 26.05 19.56 9.75
CA LEU B 46 25.84 19.32 8.33
C LEU B 46 26.38 20.56 7.61
N ASN B 47 27.23 20.12 6.65
CA ASN B 47 28.00 20.93 5.74
C ASN B 47 29.10 21.56 6.60
N LEU B 48 30.31 21.02 6.49
CA LEU B 48 31.45 21.60 7.19
C LEU B 48 32.61 21.75 6.18
N PRO B 49 33.36 22.87 6.25
CA PRO B 49 34.59 23.06 5.47
C PRO B 49 35.57 22.02 5.95
N SER B 50 36.06 21.24 4.99
CA SER B 50 37.07 20.24 5.32
C SER B 50 38.43 20.51 4.69
N GLY B 51 38.51 21.18 3.52
CA GLY B 51 39.79 21.34 2.81
C GLY B 51 40.03 20.00 2.09
N GLU B 52 40.29 18.94 2.89
CA GLU B 52 40.51 17.56 2.48
C GLU B 52 39.37 17.22 1.51
N MET B 53 38.13 17.39 1.93
CA MET B 53 36.99 17.36 1.02
C MET B 53 36.59 18.83 1.12
N GLY B 54 35.90 19.40 0.12
CA GLY B 54 35.32 20.75 0.21
C GLY B 54 34.43 20.78 1.45
N ARG B 55 33.33 20.03 1.34
CA ARG B 55 32.47 19.90 2.51
C ARG B 55 32.28 18.44 2.91
N LYS B 56 32.18 18.34 4.24
CA LYS B 56 31.88 17.10 4.91
C LYS B 56 30.64 17.33 5.75
N ASP B 57 30.39 16.33 6.58
CA ASP B 57 29.32 16.19 7.56
C ASP B 57 29.99 15.53 8.75
N LEU B 58 29.40 15.64 9.94
CA LEU B 58 30.03 15.12 11.14
C LEU B 58 29.02 14.80 12.23
N ILE B 59 29.06 13.61 12.80
CA ILE B 59 28.09 13.26 13.85
C ILE B 59 28.87 12.85 15.10
N LYS B 60 28.44 13.37 16.23
CA LYS B 60 29.10 13.03 17.46
C LYS B 60 27.91 12.62 18.28
N ILE B 61 28.09 11.39 18.76
CA ILE B 61 27.12 10.72 19.58
C ILE B 61 27.81 10.53 20.92
N GLU B 62 27.31 11.23 21.93
CA GLU B 62 27.92 11.12 23.23
C GLU B 62 27.55 9.84 24.02
N ASN B 63 28.53 9.17 24.68
CA ASN B 63 28.31 7.97 25.51
C ASN B 63 27.69 6.80 24.77
N THR B 64 28.40 6.43 23.71
CA THR B 64 27.92 5.48 22.72
C THR B 64 29.13 5.04 21.93
N PHE B 65 29.25 3.74 21.72
CA PHE B 65 30.32 3.29 20.84
C PHE B 65 29.70 2.58 19.61
N LEU B 66 30.47 2.29 18.56
CA LEU B 66 29.89 1.48 17.50
C LEU B 66 30.56 0.13 17.65
N SER B 67 30.10 -0.84 16.86
CA SER B 67 30.71 -2.16 16.85
C SER B 67 31.53 -2.28 15.59
N GLU B 68 32.26 -3.40 15.54
CA GLU B 68 33.04 -3.81 14.37
C GLU B 68 32.15 -3.90 13.13
N ASP B 69 31.05 -4.68 13.21
CA ASP B 69 30.18 -4.75 12.05
C ASP B 69 29.43 -3.44 11.88
N GLN B 70 29.09 -2.75 13.00
CA GLN B 70 28.33 -1.50 12.92
C GLN B 70 29.02 -0.49 12.01
N VAL B 71 30.32 -0.29 12.34
CA VAL B 71 31.16 0.64 11.62
C VAL B 71 31.26 0.12 10.20
N ASP B 72 31.40 -1.19 10.00
CA ASP B 72 31.58 -1.67 8.66
C ASP B 72 30.37 -1.45 7.77
N GLN B 73 29.19 -1.43 8.41
CA GLN B 73 27.96 -1.05 7.70
C GLN B 73 28.08 0.32 7.02
N LEU B 74 28.90 1.18 7.68
CA LEU B 74 29.15 2.49 7.15
C LEU B 74 29.90 2.42 5.87
N ALA B 75 30.78 1.45 5.59
CA ALA B 75 31.49 1.45 4.29
C ALA B 75 30.62 1.64 3.05
N LEU B 76 29.39 1.15 3.22
CA LEU B 76 28.37 1.18 2.19
C LEU B 76 27.87 2.56 1.73
N TYR B 77 28.06 3.54 2.59
CA TYR B 77 27.66 4.91 2.31
C TYR B 77 28.78 5.88 2.58
N ALA B 78 29.85 5.43 3.25
CA ALA B 78 30.83 6.33 3.81
C ALA B 78 32.12 5.59 4.06
N PRO B 79 32.85 5.16 3.02
CA PRO B 79 34.14 4.51 3.21
C PRO B 79 35.16 5.49 3.77
N GLN B 80 35.10 6.77 3.43
CA GLN B 80 36.12 7.71 3.93
C GLN B 80 35.82 8.34 5.30
N ALA B 81 34.79 7.80 5.90
CA ALA B 81 34.46 8.24 7.22
C ALA B 81 35.59 7.72 8.07
N THR B 82 35.61 8.24 9.28
CA THR B 82 36.59 7.79 10.22
C THR B 82 35.81 7.68 11.57
N VAL B 83 35.81 6.50 12.23
CA VAL B 83 35.04 6.45 13.49
C VAL B 83 36.03 6.62 14.61
N ASN B 84 35.79 7.74 15.26
CA ASN B 84 36.67 8.01 16.36
C ASN B 84 36.08 7.64 17.69
N ARG B 85 36.79 6.68 18.22
CA ARG B 85 36.50 6.10 19.50
C ARG B 85 37.23 7.03 20.46
N ILE B 86 36.45 7.49 21.41
CA ILE B 86 36.98 8.40 22.41
C ILE B 86 36.61 7.87 23.77
N ASP B 87 37.61 7.91 24.67
CA ASP B 87 37.35 7.61 26.07
C ASP B 87 37.92 8.81 26.78
N ASN B 88 37.08 9.33 27.70
CA ASN B 88 37.32 10.55 28.51
C ASN B 88 38.32 11.58 27.93
N TYR B 89 37.96 12.13 26.76
CA TYR B 89 38.69 13.11 25.98
C TYR B 89 39.92 12.56 25.25
N GLU B 90 40.43 11.38 25.56
CA GLU B 90 41.49 10.80 24.75
C GLU B 90 40.92 10.04 23.52
N VAL B 91 41.48 10.31 22.31
CA VAL B 91 41.17 9.52 21.10
C VAL B 91 41.93 8.20 21.36
N VAL B 92 41.15 7.32 21.95
CA VAL B 92 41.62 6.01 22.30
C VAL B 92 41.54 5.14 21.05
N GLY B 93 40.61 5.41 20.11
CA GLY B 93 40.51 4.56 18.91
C GLY B 93 40.24 5.27 17.59
N LYS B 94 40.89 4.82 16.52
CA LYS B 94 40.70 5.39 15.18
C LYS B 94 40.38 4.28 14.18
N SER B 95 39.10 3.95 14.34
CA SER B 95 38.43 2.86 13.62
C SER B 95 38.12 3.30 12.18
N ARG B 96 37.97 2.34 11.23
CA ARG B 96 37.67 2.67 9.83
C ARG B 96 36.97 1.61 9.01
N PRO B 97 35.94 1.89 8.18
CA PRO B 97 35.10 0.90 7.49
C PRO B 97 35.66 0.07 6.34
N SER B 98 35.75 -1.27 6.48
CA SER B 98 36.02 -2.09 5.30
C SER B 98 34.61 -2.42 4.79
N LEU B 99 34.45 -3.06 3.62
CA LEU B 99 33.12 -3.50 3.26
C LEU B 99 32.77 -4.58 4.29
N PRO B 100 31.53 -4.62 4.84
CA PRO B 100 31.02 -5.74 5.63
C PRO B 100 30.73 -6.94 4.72
N GLU B 101 30.69 -8.20 5.20
CA GLU B 101 30.38 -9.28 4.29
C GLU B 101 28.87 -9.44 4.11
N ARG B 102 28.13 -8.93 5.09
CA ARG B 102 26.68 -8.98 5.05
C ARG B 102 26.00 -7.82 5.76
N ILE B 103 25.02 -7.16 5.18
CA ILE B 103 24.28 -6.16 5.94
C ILE B 103 23.00 -6.91 6.21
N ASP B 104 22.55 -6.97 7.44
CA ASP B 104 21.27 -7.59 7.67
C ASP B 104 20.40 -6.49 8.21
N ASN B 105 19.09 -6.75 8.19
CA ASN B 105 18.09 -5.95 8.84
C ASN B 105 17.87 -4.54 8.33
N VAL B 106 18.73 -3.84 7.57
CA VAL B 106 18.43 -2.45 7.20
C VAL B 106 17.90 -2.40 5.78
N LEU B 107 18.11 -3.36 4.88
CA LEU B 107 17.67 -3.14 3.52
C LEU B 107 16.47 -3.96 3.10
N VAL B 108 15.82 -3.67 2.00
CA VAL B 108 14.70 -4.45 1.57
C VAL B 108 15.06 -4.84 0.16
N CYS B 109 14.86 -6.13 -0.06
CA CYS B 109 15.02 -6.73 -1.35
C CYS B 109 14.07 -6.10 -2.39
N PRO B 110 14.66 -5.60 -3.47
CA PRO B 110 13.94 -5.16 -4.63
C PRO B 110 13.13 -6.27 -5.30
N ASN B 111 13.31 -7.57 -5.03
CA ASN B 111 12.52 -8.57 -5.73
C ASN B 111 11.19 -8.60 -5.03
N SER B 112 10.10 -8.27 -5.73
CA SER B 112 8.77 -8.21 -5.14
C SER B 112 8.29 -9.59 -4.67
N ASN B 113 8.59 -10.63 -5.44
CA ASN B 113 8.17 -11.97 -5.09
C ASN B 113 9.18 -12.67 -4.17
N CYS B 114 10.04 -11.97 -3.43
CA CYS B 114 10.90 -12.63 -2.45
C CYS B 114 10.09 -12.89 -1.15
N ILE B 115 10.48 -13.99 -0.50
CA ILE B 115 9.77 -14.48 0.69
C ILE B 115 9.95 -13.55 1.87
N SER B 116 11.11 -12.89 1.88
CA SER B 116 11.48 -11.97 2.93
C SER B 116 10.46 -10.84 3.10
N HIS B 117 9.49 -10.64 2.16
CA HIS B 117 8.55 -9.55 2.35
C HIS B 117 7.40 -10.14 3.16
N ALA B 118 6.77 -11.20 2.64
CA ALA B 118 5.68 -11.91 3.33
C ALA B 118 6.02 -12.52 4.73
N GLU B 119 7.16 -13.15 5.01
CA GLU B 119 7.43 -13.76 6.31
C GLU B 119 8.12 -12.94 7.40
N PRO B 120 7.96 -13.24 8.70
CA PRO B 120 8.59 -12.51 9.79
C PRO B 120 10.08 -12.88 9.92
N VAL B 121 10.92 -12.58 8.92
CA VAL B 121 12.37 -12.81 9.01
C VAL B 121 13.10 -11.48 8.68
N SER B 122 14.33 -11.25 9.17
CA SER B 122 15.10 -10.03 8.86
C SER B 122 15.74 -10.18 7.51
N SER B 123 15.96 -9.08 6.79
CA SER B 123 16.65 -9.19 5.52
C SER B 123 18.10 -9.50 5.73
N SER B 124 18.77 -9.84 4.67
CA SER B 124 20.20 -10.04 4.76
C SER B 124 20.75 -9.97 3.38
N PHE B 125 21.87 -9.31 3.21
CA PHE B 125 22.47 -9.32 1.92
C PHE B 125 23.97 -9.57 1.98
N ALA B 126 24.44 -10.49 1.16
CA ALA B 126 25.86 -10.63 0.98
C ALA B 126 26.22 -9.44 0.06
N VAL B 127 27.24 -8.70 0.51
CA VAL B 127 27.79 -7.51 -0.14
C VAL B 127 28.78 -7.99 -1.19
N ARG B 128 29.04 -7.30 -2.28
CA ARG B 128 30.04 -7.80 -3.20
C ARG B 128 30.64 -6.64 -3.95
N LYS B 129 31.97 -6.54 -3.94
CA LYS B 129 32.67 -5.52 -4.71
C LYS B 129 32.67 -5.99 -6.18
N ARG B 130 31.80 -5.42 -7.01
CA ARG B 130 31.70 -5.92 -8.38
C ARG B 130 32.74 -5.22 -9.29
N ALA B 131 32.45 -4.09 -9.97
CA ALA B 131 33.44 -3.49 -10.87
C ALA B 131 33.13 -2.04 -11.28
N ASN B 132 32.68 -1.27 -10.30
CA ASN B 132 32.27 0.14 -10.47
C ASN B 132 31.55 0.51 -9.16
N ASP B 133 30.42 -0.17 -8.86
CA ASP B 133 29.79 0.01 -7.56
C ASP B 133 29.81 -1.35 -6.84
N ILE B 134 28.97 -1.49 -5.84
CA ILE B 134 28.91 -2.61 -4.92
C ILE B 134 27.57 -3.29 -5.20
N ALA B 135 27.54 -4.63 -5.27
CA ALA B 135 26.39 -5.51 -5.54
C ALA B 135 25.89 -6.28 -4.30
N LEU B 136 24.56 -6.32 -4.07
CA LEU B 136 23.99 -7.04 -2.93
C LEU B 136 23.13 -8.22 -3.37
N LYS B 137 23.43 -9.42 -2.86
CA LYS B 137 22.74 -10.66 -3.21
C LYS B 137 21.87 -10.95 -2.01
N CYS B 138 20.57 -11.13 -2.23
CA CYS B 138 19.66 -11.48 -1.17
C CYS B 138 19.98 -12.89 -0.73
N LYS B 139 19.77 -13.11 0.57
CA LYS B 139 19.98 -14.41 1.20
C LYS B 139 19.04 -15.48 0.67
N TYR B 140 17.79 -15.02 0.59
CA TYR B 140 16.60 -15.78 0.24
C TYR B 140 16.40 -15.86 -1.26
N CYS B 141 15.95 -14.89 -2.04
CA CYS B 141 15.65 -15.15 -3.44
C CYS B 141 16.84 -15.41 -4.35
N GLU B 142 18.01 -15.11 -3.79
CA GLU B 142 19.36 -15.20 -4.36
C GLU B 142 19.71 -14.30 -5.58
N LYS B 143 18.89 -13.28 -5.83
CA LYS B 143 19.12 -12.32 -6.88
C LYS B 143 20.06 -11.23 -6.35
N GLU B 144 21.10 -10.89 -7.16
CA GLU B 144 22.12 -9.88 -6.89
C GLU B 144 21.51 -8.62 -7.44
N PHE B 145 21.70 -7.46 -6.82
CA PHE B 145 21.13 -6.20 -7.27
C PHE B 145 22.25 -5.19 -7.09
N SER B 146 22.27 -4.12 -7.89
CA SER B 146 23.21 -2.98 -7.70
C SER B 146 22.95 -2.31 -6.34
N HIS B 147 23.99 -1.87 -5.63
CA HIS B 147 23.68 -1.33 -4.32
C HIS B 147 22.88 -0.03 -4.37
N ASN B 148 22.98 0.61 -5.53
CA ASN B 148 22.34 1.90 -5.72
C ASN B 148 20.83 1.61 -5.79
N VAL B 149 20.46 0.58 -6.55
CA VAL B 149 19.06 0.19 -6.73
C VAL B 149 18.31 -0.10 -5.43
N VAL B 150 19.07 -0.84 -4.61
CA VAL B 150 18.61 -1.26 -3.30
C VAL B 150 18.26 -0.02 -2.49
N LEU B 151 19.07 1.03 -2.61
CA LEU B 151 18.82 2.25 -1.87
C LEU B 151 17.65 3.15 -2.37
N ALA B 152 16.87 2.44 -3.20
CA ALA B 152 15.47 2.63 -3.60
C ALA B 152 14.90 3.81 -4.36
N ASN B 153 13.67 3.49 -4.74
CA ASN B 153 12.71 4.39 -5.34
C ASN B 153 11.46 3.53 -5.49
N ALA C 1 -30.60 41.89 -8.48
CA ALA C 1 -29.72 40.74 -8.40
C ALA C 1 -30.13 40.08 -7.08
N ASN C 2 -30.22 38.74 -6.91
CA ASN C 2 -30.72 38.11 -5.67
C ASN C 2 -29.59 37.41 -4.94
N PRO C 3 -29.59 37.15 -3.63
CA PRO C 3 -28.36 36.75 -2.98
C PRO C 3 -27.88 35.37 -3.40
N LEU C 4 -28.73 34.39 -3.77
CA LEU C 4 -28.24 33.08 -4.17
C LEU C 4 -28.00 32.97 -5.67
N TYR C 5 -28.27 33.99 -6.49
CA TYR C 5 -27.88 34.04 -7.91
C TYR C 5 -26.38 33.68 -8.11
N GLN C 6 -26.07 32.62 -8.90
CA GLN C 6 -24.72 32.12 -9.16
C GLN C 6 -24.04 31.41 -8.00
N LYS C 7 -24.67 31.25 -6.84
CA LYS C 7 -24.05 30.54 -5.75
C LYS C 7 -23.98 29.04 -5.94
N HIS C 8 -23.02 28.42 -5.27
CA HIS C 8 -22.80 27.01 -5.30
C HIS C 8 -23.66 26.48 -4.17
N ILE C 9 -24.45 25.42 -4.24
CA ILE C 9 -25.13 24.98 -3.03
C ILE C 9 -24.52 23.64 -2.60
N ILE C 10 -23.59 23.70 -1.67
CA ILE C 10 -22.83 22.55 -1.23
C ILE C 10 -23.16 22.10 0.16
N SER C 11 -23.12 22.96 1.14
CA SER C 11 -23.29 22.59 2.50
C SER C 11 -24.23 23.57 3.15
N ILE C 12 -25.03 23.15 4.14
CA ILE C 12 -25.94 24.04 4.83
C ILE C 12 -25.16 25.04 5.64
N ASN C 13 -24.00 24.67 6.19
CA ASN C 13 -23.17 25.68 6.84
C ASN C 13 -22.95 26.96 6.09
N ASP C 14 -22.79 26.99 4.77
CA ASP C 14 -22.58 28.25 4.06
C ASP C 14 -23.88 28.96 3.74
N LEU C 15 -25.03 28.35 3.98
CA LEU C 15 -26.31 28.97 3.71
C LEU C 15 -26.73 29.62 5.02
N SER C 16 -27.33 30.79 4.95
CA SER C 16 -27.79 31.47 6.16
C SER C 16 -29.29 31.18 6.33
N ARG C 17 -29.81 31.79 7.43
CA ARG C 17 -31.23 31.74 7.81
C ARG C 17 -31.91 32.56 6.75
N ASP C 18 -31.32 33.60 6.22
CA ASP C 18 -32.12 34.32 5.27
C ASP C 18 -32.08 33.64 3.93
N ASP C 19 -31.01 32.95 3.54
CA ASP C 19 -30.94 32.28 2.24
C ASP C 19 -31.98 31.20 2.23
N LEU C 20 -32.10 30.43 3.30
CA LEU C 20 -33.09 29.38 3.43
C LEU C 20 -34.50 29.97 3.30
N ASN C 21 -34.74 31.03 4.06
CA ASN C 21 -36.05 31.61 4.03
C ASN C 21 -36.32 32.15 2.64
N LEU C 22 -35.35 32.63 1.86
CA LEU C 22 -35.65 33.10 0.51
C LEU C 22 -36.02 31.86 -0.31
N VAL C 23 -35.49 30.65 -0.05
CA VAL C 23 -35.89 29.52 -0.85
C VAL C 23 -37.33 29.12 -0.57
N LEU C 24 -37.68 28.95 0.70
CA LEU C 24 -39.04 28.58 1.03
C LEU C 24 -40.09 29.61 0.54
N ALA C 25 -39.82 30.93 0.54
CA ALA C 25 -40.78 31.92 0.09
C ALA C 25 -40.94 31.74 -1.39
N THR C 26 -39.82 31.46 -2.06
CA THR C 26 -39.86 31.20 -3.49
C THR C 26 -40.68 29.96 -3.82
N ALA C 27 -40.49 28.93 -2.96
CA ALA C 27 -41.05 27.61 -3.19
C ALA C 27 -42.54 27.72 -3.16
N ALA C 28 -42.99 28.32 -2.07
CA ALA C 28 -44.40 28.49 -1.81
C ALA C 28 -45.07 29.20 -2.95
N LYS C 29 -44.27 30.08 -3.60
CA LYS C 29 -44.77 30.89 -4.67
C LYS C 29 -44.90 30.20 -5.98
N LEU C 30 -43.87 29.53 -6.43
CA LEU C 30 -43.98 28.73 -7.62
C LEU C 30 -45.05 27.68 -7.36
N LYS C 31 -45.21 27.16 -6.14
CA LYS C 31 -46.24 26.20 -5.82
C LYS C 31 -47.61 26.81 -5.92
N ALA C 32 -47.75 28.11 -5.78
CA ALA C 32 -49.02 28.75 -6.01
C ALA C 32 -49.14 29.05 -7.46
N ASN C 33 -48.09 29.33 -8.22
CA ASN C 33 -48.20 29.82 -9.58
C ASN C 33 -47.01 29.42 -10.44
N PRO C 34 -47.12 28.46 -11.34
CA PRO C 34 -46.03 27.80 -12.01
C PRO C 34 -45.51 28.57 -13.18
N GLN C 35 -44.17 28.66 -13.23
CA GLN C 35 -43.39 29.40 -14.24
C GLN C 35 -42.77 28.58 -15.43
N PRO C 36 -43.48 28.09 -16.46
CA PRO C 36 -42.97 27.06 -17.36
C PRO C 36 -41.83 27.45 -18.31
N GLU C 37 -41.45 28.73 -18.44
CA GLU C 37 -40.37 29.10 -19.34
C GLU C 37 -39.39 29.99 -18.58
N LEU C 38 -39.38 29.89 -17.26
CA LEU C 38 -38.51 30.65 -16.42
C LEU C 38 -37.03 30.38 -16.72
N LEU C 39 -36.74 29.18 -17.22
CA LEU C 39 -35.40 28.69 -17.51
C LEU C 39 -35.30 28.20 -18.95
N LYS C 40 -36.26 28.70 -19.74
CA LYS C 40 -36.33 28.42 -21.15
C LYS C 40 -34.98 28.81 -21.71
N HIS C 41 -34.30 27.87 -22.34
CA HIS C 41 -33.00 28.03 -22.97
C HIS C 41 -31.82 27.78 -22.06
N LYS C 42 -31.95 27.39 -20.78
CA LYS C 42 -30.78 26.96 -20.02
C LYS C 42 -30.61 25.43 -20.19
N VAL C 43 -29.38 24.88 -20.32
CA VAL C 43 -29.17 23.43 -20.33
C VAL C 43 -28.49 23.14 -18.99
N ILE C 44 -28.94 22.16 -18.24
CA ILE C 44 -28.37 21.76 -16.92
C ILE C 44 -27.82 20.28 -16.92
N ALA C 45 -26.64 20.11 -16.35
CA ALA C 45 -26.06 18.80 -16.22
C ALA C 45 -26.62 18.09 -14.99
N SER C 46 -26.81 16.80 -15.03
CA SER C 46 -27.33 16.02 -13.96
C SER C 46 -26.40 14.80 -13.89
N CYS C 47 -25.35 14.99 -13.08
CA CYS C 47 -24.29 14.01 -12.92
C CYS C 47 -24.44 13.11 -11.71
N PHE C 48 -24.97 11.89 -11.80
CA PHE C 48 -25.14 11.02 -10.67
C PHE C 48 -24.16 9.84 -10.71
N PHE C 49 -23.16 9.97 -9.82
CA PHE C 49 -22.09 8.98 -9.66
C PHE C 49 -22.53 8.04 -8.57
N GLU C 50 -23.76 8.10 -8.10
CA GLU C 50 -24.26 7.20 -7.09
C GLU C 50 -25.78 7.08 -7.25
N ALA C 51 -26.39 5.98 -6.88
CA ALA C 51 -27.81 5.78 -7.03
C ALA C 51 -28.83 6.82 -6.59
N SER C 52 -29.89 7.04 -7.41
CA SER C 52 -31.02 7.86 -6.99
C SER C 52 -32.37 7.65 -7.71
N THR C 53 -33.47 7.82 -7.00
CA THR C 53 -34.77 7.78 -7.62
C THR C 53 -35.24 9.17 -7.31
N ARG C 54 -35.40 9.60 -6.08
CA ARG C 54 -35.99 10.91 -5.79
C ARG C 54 -35.18 12.14 -6.12
N THR C 55 -33.88 12.16 -5.72
CA THR C 55 -33.14 13.40 -5.91
C THR C 55 -32.97 13.68 -7.41
N ARG C 56 -32.56 12.68 -8.19
CA ARG C 56 -32.44 12.90 -9.60
C ARG C 56 -33.78 13.06 -10.24
N LEU C 57 -34.76 12.20 -10.06
CA LEU C 57 -35.97 12.42 -10.80
C LEU C 57 -36.74 13.71 -10.45
N SER C 58 -36.87 14.06 -9.14
CA SER C 58 -37.36 15.39 -8.73
C SER C 58 -36.54 16.51 -9.39
N PHE C 59 -35.17 16.44 -9.43
CA PHE C 59 -34.34 17.52 -9.97
C PHE C 59 -34.65 17.71 -11.42
N GLN C 60 -34.51 16.61 -12.15
CA GLN C 60 -34.86 16.61 -13.55
C GLN C 60 -36.30 17.05 -13.90
N THR C 61 -37.30 16.71 -13.10
CA THR C 61 -38.64 17.17 -13.37
C THR C 61 -38.70 18.65 -13.04
N SER C 62 -38.11 19.18 -11.94
CA SER C 62 -38.14 20.62 -11.66
C SER C 62 -37.53 21.44 -12.83
N MET C 63 -36.43 20.93 -13.42
CA MET C 63 -35.76 21.52 -14.54
C MET C 63 -36.67 21.55 -15.68
N HIS C 64 -37.47 20.53 -15.91
CA HIS C 64 -38.38 20.53 -17.06
C HIS C 64 -39.58 21.42 -16.84
N ARG C 65 -40.16 21.38 -15.64
CA ARG C 65 -41.27 22.27 -15.31
C ARG C 65 -40.91 23.75 -15.48
N LEU C 66 -39.64 24.12 -15.32
CA LEU C 66 -39.18 25.49 -15.54
C LEU C 66 -38.71 25.82 -16.96
N GLY C 67 -38.77 24.91 -17.92
CA GLY C 67 -38.27 25.17 -19.25
C GLY C 67 -36.84 24.78 -19.57
N ALA C 68 -36.01 24.23 -18.69
CA ALA C 68 -34.64 23.86 -18.99
C ALA C 68 -34.41 22.52 -19.71
N SER C 69 -33.19 22.32 -20.20
CA SER C 69 -32.84 21.11 -20.85
C SER C 69 -31.90 20.33 -19.96
N VAL C 70 -31.89 18.99 -19.94
CA VAL C 70 -31.06 18.26 -19.00
C VAL C 70 -30.17 17.39 -19.83
N VAL C 71 -28.91 17.19 -19.43
CA VAL C 71 -27.97 16.25 -20.05
C VAL C 71 -27.26 15.57 -18.93
N GLY C 72 -26.76 14.35 -18.98
CA GLY C 72 -26.11 13.84 -17.81
C GLY C 72 -25.82 12.36 -17.88
N PHE C 73 -25.90 11.69 -16.76
CA PHE C 73 -25.63 10.27 -16.69
C PHE C 73 -26.10 9.82 -15.31
N SER C 74 -26.54 8.58 -15.24
CA SER C 74 -27.07 8.07 -14.01
C SER C 74 -26.00 7.21 -13.42
N ASP C 75 -24.95 6.84 -14.16
CA ASP C 75 -23.85 6.16 -13.52
C ASP C 75 -22.58 6.49 -14.26
N SER C 76 -21.53 6.63 -13.47
CA SER C 76 -20.21 6.88 -13.97
C SER C 76 -19.74 5.72 -14.79
N ALA C 77 -20.36 4.54 -14.75
CA ALA C 77 -19.95 3.35 -15.49
C ALA C 77 -19.71 3.47 -16.97
N ASN C 78 -20.42 4.43 -17.49
CA ASN C 78 -20.35 4.72 -18.88
C ASN C 78 -19.54 5.98 -19.15
N THR C 79 -19.11 6.74 -18.18
CA THR C 79 -18.40 7.97 -18.50
C THR C 79 -16.96 7.58 -18.76
N SER C 80 -16.16 8.49 -19.26
CA SER C 80 -14.78 8.13 -19.39
C SER C 80 -14.11 8.18 -18.05
N LEU C 81 -14.59 8.84 -16.99
CA LEU C 81 -14.04 8.67 -15.63
C LEU C 81 -14.22 7.20 -15.20
N GLY C 82 -15.30 6.53 -15.57
CA GLY C 82 -15.48 5.13 -15.22
C GLY C 82 -14.77 4.11 -16.15
N LYS C 83 -14.45 4.43 -17.41
CA LYS C 83 -13.81 3.43 -18.23
C LYS C 83 -12.48 3.88 -18.75
N LYS C 84 -12.31 5.12 -19.22
CA LYS C 84 -10.98 5.47 -19.72
C LYS C 84 -10.06 5.95 -18.59
N GLY C 85 -10.60 6.14 -17.38
CA GLY C 85 -9.82 6.50 -16.23
C GLY C 85 -9.53 7.98 -15.96
N GLU C 86 -10.41 8.91 -16.37
CA GLU C 86 -10.09 10.29 -16.02
C GLU C 86 -10.44 10.80 -14.61
N THR C 87 -9.77 11.89 -14.14
CA THR C 87 -10.07 12.40 -12.84
C THR C 87 -11.40 13.12 -12.88
N LEU C 88 -11.95 13.25 -11.67
CA LEU C 88 -13.20 13.98 -11.47
C LEU C 88 -12.94 15.44 -11.70
N ALA C 89 -11.69 15.84 -11.54
CA ALA C 89 -11.36 17.22 -11.80
C ALA C 89 -11.49 17.51 -13.31
N ASP C 90 -11.00 16.58 -14.19
CA ASP C 90 -11.16 16.81 -15.62
C ASP C 90 -12.60 16.67 -16.06
N THR C 91 -13.36 15.76 -15.47
CA THR C 91 -14.77 15.58 -15.79
C THR C 91 -15.52 16.90 -15.67
N ILE C 92 -15.36 17.54 -14.52
CA ILE C 92 -16.09 18.75 -14.19
C ILE C 92 -15.48 19.84 -15.06
N SER C 93 -14.17 19.91 -15.29
CA SER C 93 -13.68 20.93 -16.22
C SER C 93 -14.35 20.84 -17.58
N VAL C 94 -14.50 19.69 -18.27
CA VAL C 94 -15.10 19.85 -19.60
C VAL C 94 -16.60 20.05 -19.47
N ILE C 95 -17.29 19.42 -18.52
CA ILE C 95 -18.72 19.55 -18.43
C ILE C 95 -18.98 21.02 -18.11
N SER C 96 -18.24 21.79 -17.33
CA SER C 96 -18.61 23.17 -17.18
C SER C 96 -18.34 24.00 -18.49
N THR C 97 -17.62 23.55 -19.53
CA THR C 97 -17.54 24.31 -20.75
C THR C 97 -18.79 24.09 -21.58
N TYR C 98 -19.73 23.17 -21.21
CA TYR C 98 -20.99 22.84 -21.95
C TYR C 98 -22.32 23.29 -21.35
N VAL C 99 -22.47 23.37 -20.05
CA VAL C 99 -23.75 23.58 -19.36
C VAL C 99 -23.89 24.80 -18.43
N ASP C 100 -25.10 25.04 -17.92
CA ASP C 100 -25.32 26.22 -17.06
C ASP C 100 -25.38 26.08 -15.52
N ALA C 101 -25.50 24.85 -15.03
CA ALA C 101 -25.46 24.54 -13.61
C ALA C 101 -25.17 23.05 -13.62
N ILE C 102 -24.38 22.57 -12.65
CA ILE C 102 -24.12 21.18 -12.44
C ILE C 102 -24.77 20.81 -11.11
N VAL C 103 -25.58 19.76 -11.16
CA VAL C 103 -26.26 19.04 -10.09
C VAL C 103 -25.47 17.75 -9.97
N MET C 104 -24.82 17.41 -8.86
CA MET C 104 -24.17 16.08 -8.80
C MET C 104 -24.31 15.27 -7.54
N ARG C 105 -24.44 13.96 -7.71
CA ARG C 105 -24.44 13.09 -6.56
C ARG C 105 -23.07 12.41 -6.57
N HIS C 106 -22.49 11.97 -5.43
CA HIS C 106 -21.20 11.35 -5.49
C HIS C 106 -20.81 10.59 -4.23
N PRO C 107 -20.28 9.37 -4.30
CA PRO C 107 -19.97 8.60 -3.13
C PRO C 107 -18.86 9.17 -2.21
N GLN C 108 -17.81 9.90 -2.62
CA GLN C 108 -16.87 10.36 -1.63
C GLN C 108 -17.34 11.66 -1.08
N GLU C 109 -17.04 11.82 0.19
CA GLU C 109 -17.38 13.04 0.89
C GLU C 109 -16.42 14.10 0.36
N GLY C 110 -16.99 15.23 0.03
CA GLY C 110 -16.19 16.32 -0.41
C GLY C 110 -16.21 16.49 -1.89
N ALA C 111 -16.81 15.62 -2.67
CA ALA C 111 -16.70 15.78 -4.12
C ALA C 111 -17.39 17.01 -4.67
N ALA C 112 -18.46 17.50 -4.05
CA ALA C 112 -19.09 18.74 -4.46
C ALA C 112 -18.23 20.00 -4.34
N ARG C 113 -17.44 20.14 -3.27
CA ARG C 113 -16.53 21.28 -3.12
C ARG C 113 -15.43 21.05 -4.15
N LEU C 114 -14.93 19.82 -4.36
CA LEU C 114 -13.99 19.53 -5.44
C LEU C 114 -14.49 20.15 -6.76
N ALA C 115 -15.68 19.78 -7.22
CA ALA C 115 -16.21 20.29 -8.47
C ALA C 115 -16.16 21.77 -8.56
N THR C 116 -16.57 22.52 -7.56
CA THR C 116 -16.60 23.98 -7.66
C THR C 116 -15.31 24.71 -8.02
N GLU C 117 -14.21 24.04 -7.67
CA GLU C 117 -12.85 24.50 -7.84
C GLU C 117 -12.44 24.30 -9.26
N PHE C 118 -13.21 23.59 -10.02
CA PHE C 118 -12.86 23.35 -11.40
C PHE C 118 -14.04 23.78 -12.23
N SER C 119 -15.17 24.27 -11.70
CA SER C 119 -16.34 24.48 -12.54
C SER C 119 -16.37 25.82 -13.22
N GLY C 120 -15.31 26.57 -12.99
CA GLY C 120 -15.31 27.92 -13.49
C GLY C 120 -16.47 28.69 -12.85
N ASN C 121 -17.28 29.28 -13.70
CA ASN C 121 -18.37 30.13 -13.25
C ASN C 121 -19.65 29.34 -13.22
N VAL C 122 -19.67 28.03 -13.52
CA VAL C 122 -20.92 27.32 -13.45
C VAL C 122 -21.19 26.97 -11.97
N PRO C 123 -22.41 27.17 -11.43
CA PRO C 123 -22.83 26.80 -10.07
C PRO C 123 -22.86 25.28 -9.98
N VAL C 124 -22.42 24.73 -8.81
CA VAL C 124 -22.47 23.30 -8.62
C VAL C 124 -23.49 23.19 -7.48
N LEU C 125 -24.53 22.39 -7.58
CA LEU C 125 -25.53 22.22 -6.54
C LEU C 125 -25.32 20.76 -6.12
N ASN C 126 -25.02 20.53 -4.86
CA ASN C 126 -24.75 19.22 -4.33
C ASN C 126 -26.02 18.33 -4.07
N ALA C 127 -26.27 17.27 -4.86
CA ALA C 127 -27.39 16.32 -4.66
C ALA C 127 -27.08 15.29 -3.55
N GLY C 128 -25.84 15.27 -3.06
CA GLY C 128 -25.37 14.46 -1.94
C GLY C 128 -23.95 13.95 -2.15
N ASP C 129 -23.08 14.08 -1.18
CA ASP C 129 -21.72 13.61 -1.34
C ASP C 129 -21.32 12.62 -0.26
N GLY C 130 -21.57 11.32 -0.45
CA GLY C 130 -21.20 10.36 0.57
C GLY C 130 -22.03 10.64 1.80
N SER C 131 -21.45 10.79 2.99
CA SER C 131 -22.29 10.93 4.16
C SER C 131 -22.26 12.32 4.73
N ASN C 132 -21.73 13.19 3.89
CA ASN C 132 -21.54 14.57 4.31
C ASN C 132 -22.79 15.45 4.31
N GLN C 133 -23.09 16.10 3.20
CA GLN C 133 -24.10 17.11 3.11
C GLN C 133 -25.20 16.68 2.16
N HIS C 134 -26.43 17.13 2.37
CA HIS C 134 -27.51 16.90 1.45
C HIS C 134 -28.35 18.17 1.47
N PRO C 135 -27.87 19.41 1.19
CA PRO C 135 -28.66 20.65 1.21
C PRO C 135 -30.03 20.66 0.58
N THR C 136 -30.21 20.11 -0.61
CA THR C 136 -31.53 20.25 -1.26
C THR C 136 -32.65 19.42 -0.59
N GLN C 137 -32.25 18.37 0.13
CA GLN C 137 -33.12 17.54 0.98
C GLN C 137 -33.70 18.42 2.08
N THR C 138 -32.77 19.12 2.73
CA THR C 138 -33.05 19.97 3.88
C THR C 138 -33.97 21.06 3.45
N LEU C 139 -33.82 21.59 2.25
CA LEU C 139 -34.72 22.64 1.83
C LEU C 139 -36.08 22.00 1.64
N LEU C 140 -36.25 20.83 1.03
CA LEU C 140 -37.61 20.29 0.99
C LEU C 140 -38.08 19.82 2.38
N ASP C 141 -37.24 19.44 3.34
CA ASP C 141 -37.70 19.15 4.69
C ASP C 141 -38.22 20.39 5.42
N LEU C 142 -37.52 21.52 5.27
CA LEU C 142 -37.93 22.75 5.90
C LEU C 142 -39.25 23.19 5.25
N PHE C 143 -39.41 23.09 3.91
CA PHE C 143 -40.65 23.50 3.28
C PHE C 143 -41.76 22.68 3.89
N THR C 144 -41.66 21.34 3.98
CA THR C 144 -42.66 20.44 4.58
C THR C 144 -42.91 20.70 6.05
N ILE C 145 -41.91 21.03 6.88
CA ILE C 145 -42.18 21.37 8.27
C ILE C 145 -43.00 22.66 8.35
N GLN C 146 -42.58 23.71 7.64
CA GLN C 146 -43.28 24.97 7.68
C GLN C 146 -44.73 24.77 7.28
N GLN C 147 -44.94 23.95 6.27
CA GLN C 147 -46.25 23.70 5.74
C GLN C 147 -47.13 22.99 6.74
N THR C 148 -46.61 22.10 7.58
CA THR C 148 -47.41 21.40 8.54
C THR C 148 -47.41 22.13 9.89
N GLU C 149 -46.43 23.00 10.21
CA GLU C 149 -46.31 23.53 11.57
C GLU C 149 -46.39 25.04 11.67
N GLY C 150 -46.37 25.70 10.52
CA GLY C 150 -46.42 27.16 10.46
C GLY C 150 -45.28 27.85 11.17
N ARG C 151 -44.25 27.14 11.55
CA ARG C 151 -43.17 27.79 12.25
C ARG C 151 -41.97 26.93 11.98
N LEU C 152 -40.78 27.52 12.04
CA LEU C 152 -39.55 26.76 12.05
C LEU C 152 -38.78 27.11 13.32
N ASP C 153 -39.43 27.77 14.30
CA ASP C 153 -38.83 28.09 15.57
C ASP C 153 -39.60 27.26 16.61
N ASN C 154 -38.99 26.90 17.73
CA ASN C 154 -39.57 26.16 18.84
C ASN C 154 -40.30 24.91 18.46
N LEU C 155 -39.58 23.92 17.95
CA LEU C 155 -40.23 22.68 17.62
C LEU C 155 -39.65 21.68 18.57
N HIS C 156 -40.21 20.50 18.55
CA HIS C 156 -39.61 19.42 19.25
C HIS C 156 -39.38 18.50 18.05
N VAL C 157 -38.11 18.18 17.73
CA VAL C 157 -37.74 17.42 16.58
C VAL C 157 -36.99 16.23 17.09
N ALA C 158 -37.41 15.01 16.76
CA ALA C 158 -36.72 13.79 17.18
C ALA C 158 -36.09 13.18 15.93
N MET C 159 -34.78 12.89 15.90
CA MET C 159 -34.11 12.31 14.74
C MET C 159 -33.83 10.85 15.03
N VAL C 160 -34.47 9.91 14.34
CA VAL C 160 -34.37 8.49 14.70
C VAL C 160 -33.56 7.76 13.65
N GLY C 161 -32.45 7.06 13.91
CA GLY C 161 -31.89 6.15 12.92
C GLY C 161 -30.36 6.05 12.84
N ASP C 162 -29.81 6.31 11.65
CA ASP C 162 -28.40 6.21 11.38
C ASP C 162 -28.01 7.65 11.32
N LEU C 163 -27.53 8.24 12.39
CA LEU C 163 -27.21 9.64 12.34
C LEU C 163 -25.75 9.89 11.98
N LYS C 164 -24.89 8.90 12.27
CA LYS C 164 -23.51 8.95 11.83
C LYS C 164 -23.36 9.15 10.32
N TYR C 165 -23.76 8.14 9.52
CA TYR C 165 -23.72 8.23 8.07
C TYR C 165 -24.86 9.00 7.42
N GLY C 166 -25.92 9.44 8.16
CA GLY C 166 -27.00 10.19 7.56
C GLY C 166 -26.61 11.61 7.08
N ARG C 167 -26.22 11.80 5.81
CA ARG C 167 -26.09 13.12 5.21
C ARG C 167 -27.36 13.97 5.43
N THR C 168 -28.57 13.41 5.45
CA THR C 168 -29.80 14.19 5.60
C THR C 168 -29.97 14.80 7.00
N VAL C 169 -29.80 14.01 8.06
CA VAL C 169 -29.88 14.58 9.39
C VAL C 169 -28.72 15.55 9.65
N HIS C 170 -27.50 15.35 9.04
CA HIS C 170 -26.35 16.30 9.18
C HIS C 170 -26.69 17.64 8.60
N SER C 171 -27.35 17.67 7.45
CA SER C 171 -27.78 18.96 6.93
C SER C 171 -28.98 19.52 7.71
N LEU C 172 -29.95 18.71 8.15
CA LEU C 172 -31.13 19.27 8.77
C LEU C 172 -30.77 19.80 10.13
N THR C 173 -29.91 19.18 10.96
CA THR C 173 -29.67 19.83 12.23
C THR C 173 -28.94 21.16 12.09
N GLN C 174 -28.14 21.30 11.05
CA GLN C 174 -27.44 22.55 10.84
C GLN C 174 -28.42 23.59 10.37
N ALA C 175 -29.43 23.31 9.52
CA ALA C 175 -30.34 24.39 9.22
C ALA C 175 -31.30 24.74 10.38
N LEU C 176 -31.88 23.81 11.16
CA LEU C 176 -32.77 24.12 12.25
C LEU C 176 -32.05 24.77 13.43
N ALA C 177 -30.76 24.54 13.63
CA ALA C 177 -30.01 25.25 14.64
C ALA C 177 -29.89 26.71 14.26
N LYS C 178 -30.31 27.17 13.08
CA LYS C 178 -30.34 28.59 12.71
C LYS C 178 -31.69 29.31 13.00
N PHE C 179 -32.58 28.65 13.74
CA PHE C 179 -33.85 29.24 14.16
C PHE C 179 -33.92 29.10 15.68
N ASP C 180 -34.88 29.81 16.20
CA ASP C 180 -34.92 30.00 17.61
C ASP C 180 -35.53 28.83 18.34
N GLY C 181 -35.14 28.53 19.56
CA GLY C 181 -35.81 27.58 20.42
C GLY C 181 -36.17 26.17 19.93
N ASN C 182 -35.41 25.50 19.02
CA ASN C 182 -35.78 24.15 18.57
C ASN C 182 -35.14 23.15 19.50
N ARG C 183 -35.91 22.20 20.00
CA ARG C 183 -35.41 21.18 20.90
C ARG C 183 -35.16 19.91 20.10
N PHE C 184 -34.03 19.24 20.32
CA PHE C 184 -33.66 18.07 19.55
C PHE C 184 -33.57 16.80 20.35
N TYR C 185 -34.06 15.67 19.83
CA TYR C 185 -33.97 14.39 20.51
C TYR C 185 -33.35 13.36 19.54
N PHE C 186 -32.18 12.82 19.84
CA PHE C 186 -31.51 11.83 19.01
C PHE C 186 -31.69 10.38 19.50
N ILE C 187 -32.25 9.57 18.61
CA ILE C 187 -32.46 8.20 18.93
C ILE C 187 -31.72 7.50 17.79
N ALA C 188 -30.55 6.95 18.08
CA ALA C 188 -29.78 6.22 17.07
C ALA C 188 -29.14 5.06 17.80
N PRO C 189 -28.79 3.87 17.27
CA PRO C 189 -27.84 2.95 17.87
C PRO C 189 -26.58 3.74 18.18
N ASP C 190 -25.87 3.58 19.30
CA ASP C 190 -24.68 4.40 19.53
C ASP C 190 -23.53 4.20 18.55
N ALA C 191 -23.17 3.03 18.04
CA ALA C 191 -22.17 3.03 16.98
C ALA C 191 -22.64 3.72 15.70
N LEU C 192 -23.85 4.27 15.58
CA LEU C 192 -24.25 5.04 14.41
C LEU C 192 -24.82 6.35 14.94
N ALA C 193 -24.12 6.86 15.95
CA ALA C 193 -24.52 8.10 16.57
C ALA C 193 -24.18 9.42 15.83
N MET C 194 -24.84 10.48 16.28
CA MET C 194 -24.66 11.81 15.73
C MET C 194 -23.19 12.19 15.87
N PRO C 195 -22.55 12.70 14.81
CA PRO C 195 -21.17 13.18 14.90
C PRO C 195 -20.97 14.27 15.94
N GLU C 196 -19.95 14.16 16.80
CA GLU C 196 -19.67 15.18 17.82
C GLU C 196 -19.53 16.54 17.16
N TYR C 197 -19.01 16.66 15.92
CA TYR C 197 -18.91 17.99 15.34
C TYR C 197 -20.23 18.75 15.24
N ILE C 198 -21.39 18.10 14.96
CA ILE C 198 -22.65 18.83 14.95
C ILE C 198 -23.01 19.10 16.41
N LEU C 199 -22.75 18.14 17.30
CA LEU C 199 -23.05 18.31 18.70
C LEU C 199 -22.33 19.49 19.31
N ASP C 200 -21.01 19.68 19.09
CA ASP C 200 -20.29 20.83 19.60
C ASP C 200 -20.98 22.10 19.19
N MET C 201 -21.42 22.17 17.92
CA MET C 201 -22.09 23.33 17.34
C MET C 201 -23.42 23.57 18.02
N LEU C 202 -24.14 22.50 18.29
CA LEU C 202 -25.39 22.60 19.02
C LEU C 202 -25.18 23.19 20.41
N ASP C 203 -24.10 22.75 21.05
CA ASP C 203 -23.62 23.33 22.28
C ASP C 203 -23.13 24.78 22.12
N GLU C 204 -22.20 25.15 21.24
CA GLU C 204 -21.75 26.52 21.07
C GLU C 204 -22.89 27.49 20.87
N LYS C 205 -24.02 27.05 20.30
CA LYS C 205 -25.19 27.89 20.13
C LYS C 205 -26.26 27.80 21.24
N GLY C 206 -25.99 26.98 22.24
CA GLY C 206 -26.89 26.80 23.36
C GLY C 206 -28.29 26.30 23.01
N ILE C 207 -28.35 25.28 22.17
CA ILE C 207 -29.58 24.64 21.76
C ILE C 207 -29.75 23.40 22.63
N ALA C 208 -30.93 22.93 23.01
CA ALA C 208 -31.06 21.76 23.89
C ALA C 208 -31.17 20.46 23.12
N TRP C 209 -30.34 19.43 23.31
CA TRP C 209 -30.50 18.16 22.60
C TRP C 209 -30.48 17.02 23.58
N SER C 210 -30.79 15.79 23.22
CA SER C 210 -30.75 14.70 24.20
C SER C 210 -30.82 13.34 23.52
N LEU C 211 -30.36 12.27 24.16
CA LEU C 211 -30.35 10.94 23.63
C LEU C 211 -31.47 10.21 24.35
N HIS C 212 -32.08 9.22 23.68
CA HIS C 212 -33.19 8.44 24.17
C HIS C 212 -33.07 7.09 23.47
N SER C 213 -33.18 6.05 24.29
CA SER C 213 -33.14 4.65 23.86
C SER C 213 -34.35 4.20 23.07
N SER C 214 -35.40 5.02 23.08
CA SER C 214 -36.72 4.62 22.63
C SER C 214 -37.37 5.82 21.97
N ILE C 215 -38.38 5.45 21.16
CA ILE C 215 -39.30 6.32 20.45
C ILE C 215 -40.53 6.52 21.36
N GLU C 216 -40.93 5.54 22.21
CA GLU C 216 -42.06 5.74 23.10
C GLU C 216 -41.68 6.81 24.08
N GLU C 217 -40.39 6.98 24.39
CA GLU C 217 -40.11 7.99 25.37
C GLU C 217 -40.11 9.42 24.89
N VAL C 218 -40.40 9.73 23.64
CA VAL C 218 -40.43 11.11 23.18
C VAL C 218 -41.66 11.39 22.32
N MET C 219 -42.42 10.35 21.98
CA MET C 219 -43.55 10.44 21.09
C MET C 219 -44.50 11.51 21.50
N ALA C 220 -44.70 11.62 22.81
CA ALA C 220 -45.66 12.59 23.30
C ALA C 220 -45.23 14.06 23.19
N GLU C 221 -43.91 14.29 23.10
CA GLU C 221 -43.37 15.61 23.15
C GLU C 221 -42.93 16.18 21.82
N VAL C 222 -43.01 15.40 20.73
CA VAL C 222 -42.50 15.87 19.44
C VAL C 222 -43.48 16.37 18.41
N ASP C 223 -42.95 17.33 17.66
CA ASP C 223 -43.66 17.93 16.55
C ASP C 223 -43.32 17.17 15.30
N ILE C 224 -42.04 16.81 15.17
CA ILE C 224 -41.67 16.07 13.97
C ILE C 224 -40.90 14.85 14.43
N LEU C 225 -41.12 13.73 13.76
CA LEU C 225 -40.31 12.57 14.04
C LEU C 225 -39.52 12.32 12.74
N TYR C 226 -38.25 12.66 12.63
CA TYR C 226 -37.58 12.45 11.37
C TYR C 226 -36.90 11.11 11.41
N MET C 227 -37.53 10.11 10.77
CA MET C 227 -37.00 8.74 10.66
C MET C 227 -35.90 8.58 9.59
N THR C 228 -34.81 7.85 9.78
CA THR C 228 -33.87 7.63 8.72
C THR C 228 -33.57 6.18 8.33
N ARG C 229 -32.87 5.93 7.22
CA ARG C 229 -32.41 4.58 6.82
C ARG C 229 -30.97 4.18 7.25
N VAL C 230 -30.65 2.96 7.70
CA VAL C 230 -29.31 2.45 8.10
C VAL C 230 -28.53 2.41 6.82
N GLN C 231 -27.59 3.30 6.60
CA GLN C 231 -26.84 3.36 5.34
C GLN C 231 -25.91 2.15 5.15
N LYS C 232 -26.49 1.02 4.69
CA LYS C 232 -25.78 -0.23 4.56
C LYS C 232 -24.55 0.04 3.72
N GLU C 233 -24.74 0.70 2.57
CA GLU C 233 -23.66 0.87 1.62
C GLU C 233 -22.50 1.71 2.19
N ARG C 234 -22.77 2.43 3.25
CA ARG C 234 -21.71 3.19 3.86
C ARG C 234 -21.09 2.51 5.08
N LEU C 235 -21.71 1.46 5.65
CA LEU C 235 -21.23 0.85 6.88
C LEU C 235 -19.92 0.16 6.64
N ASP C 236 -19.12 0.24 7.67
CA ASP C 236 -17.87 -0.50 7.73
C ASP C 236 -18.21 -1.84 8.34
N PRO C 237 -17.50 -2.87 7.92
CA PRO C 237 -17.45 -4.15 8.55
C PRO C 237 -17.74 -4.28 10.02
N SER C 238 -17.13 -3.39 10.81
CA SER C 238 -17.36 -3.39 12.24
C SER C 238 -18.82 -3.15 12.60
N GLU C 239 -19.45 -2.31 11.79
CA GLU C 239 -20.82 -1.97 12.05
C GLU C 239 -21.83 -2.98 11.56
N TYR C 240 -21.47 -4.12 10.94
CA TYR C 240 -22.42 -5.12 10.47
C TYR C 240 -23.36 -5.68 11.50
N ALA C 241 -22.99 -5.53 12.74
CA ALA C 241 -23.90 -5.73 13.85
C ALA C 241 -25.06 -4.77 13.79
N ASN C 242 -25.13 -3.81 12.86
CA ASN C 242 -26.12 -2.74 12.79
C ASN C 242 -26.96 -2.56 11.53
N VAL C 243 -26.88 -3.44 10.56
CA VAL C 243 -27.66 -3.32 9.37
C VAL C 243 -29.18 -3.37 9.62
N LYS C 244 -29.70 -4.21 10.55
CA LYS C 244 -31.14 -4.30 10.72
C LYS C 244 -31.41 -3.20 11.68
N ALA C 245 -32.47 -2.50 11.31
CA ALA C 245 -32.88 -1.39 12.13
C ALA C 245 -33.27 -1.71 13.59
N GLN C 246 -32.83 -0.86 14.51
CA GLN C 246 -33.11 -0.91 15.93
C GLN C 246 -34.49 -0.34 16.28
N PHE C 247 -34.93 0.80 15.73
CA PHE C 247 -36.15 1.43 16.16
C PHE C 247 -37.10 1.46 14.94
N VAL C 248 -38.27 0.82 15.01
CA VAL C 248 -39.19 0.56 13.89
C VAL C 248 -40.53 1.22 14.22
N LEU C 249 -40.97 2.28 13.56
CA LEU C 249 -42.23 2.94 13.89
C LEU C 249 -43.38 2.17 13.33
N ARG C 250 -44.26 1.77 14.23
CA ARG C 250 -45.49 1.07 13.86
C ARG C 250 -46.67 1.92 14.25
N ALA C 251 -47.79 1.75 13.56
CA ALA C 251 -48.95 2.61 13.80
C ALA C 251 -49.45 2.66 15.26
N SER C 252 -49.29 1.57 16.03
CA SER C 252 -49.67 1.55 17.43
C SER C 252 -48.90 2.55 18.28
N ASP C 253 -47.69 2.81 17.88
CA ASP C 253 -46.84 3.61 18.71
C ASP C 253 -47.30 5.04 18.65
N LEU C 254 -47.89 5.45 17.56
CA LEU C 254 -48.42 6.79 17.42
C LEU C 254 -49.57 7.12 18.38
N HIS C 255 -49.97 6.23 19.27
CA HIS C 255 -51.12 6.42 20.12
C HIS C 255 -51.17 7.67 20.92
N ASN C 256 -50.07 8.04 21.55
CA ASN C 256 -50.06 9.25 22.39
C ASN C 256 -49.41 10.36 21.58
N ALA C 257 -49.66 10.49 20.26
CA ALA C 257 -48.96 11.48 19.45
C ALA C 257 -49.61 12.82 19.50
N LYS C 258 -48.89 13.93 19.48
CA LYS C 258 -49.55 15.25 19.37
C LYS C 258 -50.40 15.24 18.12
N ALA C 259 -51.60 15.76 18.04
CA ALA C 259 -52.36 15.67 16.79
C ALA C 259 -51.66 16.30 15.59
N ASN C 260 -50.82 17.30 15.81
CA ASN C 260 -50.13 18.06 14.78
C ASN C 260 -48.91 17.35 14.26
N MET C 261 -48.48 16.32 14.96
CA MET C 261 -47.25 15.61 14.62
C MET C 261 -47.20 14.92 13.26
N LYS C 262 -46.09 15.14 12.62
CA LYS C 262 -45.78 14.60 11.33
C LYS C 262 -44.55 13.69 11.44
N VAL C 263 -44.69 12.54 10.73
CA VAL C 263 -43.63 11.55 10.55
C VAL C 263 -42.91 11.88 9.25
N LEU C 264 -41.69 12.41 9.31
CA LEU C 264 -40.96 12.66 8.08
C LEU C 264 -39.89 11.58 7.90
N HIS C 265 -39.54 11.31 6.62
CA HIS C 265 -38.53 10.32 6.25
C HIS C 265 -37.97 10.74 4.91
N PRO C 266 -36.67 10.92 4.64
CA PRO C 266 -36.16 11.23 3.31
C PRO C 266 -36.46 10.18 2.22
N LEU C 267 -36.48 8.90 2.64
CA LEU C 267 -36.80 7.73 1.85
C LEU C 267 -35.58 7.41 0.98
N PRO C 268 -35.27 6.17 0.55
CA PRO C 268 -36.08 4.97 0.64
C PRO C 268 -36.18 4.48 2.06
N ARG C 269 -37.25 3.75 2.38
CA ARG C 269 -37.25 3.21 3.71
C ARG C 269 -37.31 1.72 3.51
N VAL C 270 -36.71 1.03 4.46
CA VAL C 270 -36.66 -0.43 4.52
C VAL C 270 -37.64 -0.94 5.59
N ASP C 271 -37.19 -1.51 6.70
CA ASP C 271 -38.05 -2.11 7.68
C ASP C 271 -38.50 -1.20 8.80
N GLU C 272 -37.84 -0.05 8.95
CA GLU C 272 -38.05 0.89 10.06
C GLU C 272 -39.35 1.67 10.08
N ILE C 273 -40.15 1.82 9.01
CA ILE C 273 -41.47 2.38 9.17
C ILE C 273 -42.38 1.31 8.60
N ALA C 274 -43.19 0.79 9.48
CA ALA C 274 -44.09 -0.30 9.11
C ALA C 274 -45.09 0.33 8.20
N THR C 275 -45.59 -0.35 7.19
CA THR C 275 -46.56 0.26 6.28
C THR C 275 -47.91 0.65 6.89
N ASP C 276 -48.23 0.18 8.11
CA ASP C 276 -49.45 0.55 8.80
C ASP C 276 -49.40 2.01 9.19
N VAL C 277 -48.21 2.64 9.27
CA VAL C 277 -48.09 4.08 9.59
C VAL C 277 -48.53 4.96 8.43
N ASP C 278 -48.42 4.43 7.21
CA ASP C 278 -48.77 5.13 5.99
C ASP C 278 -50.24 5.50 5.98
N LYS C 279 -51.13 4.69 6.62
CA LYS C 279 -52.54 5.03 6.56
C LYS C 279 -52.98 5.92 7.73
N THR C 280 -52.11 6.60 8.49
CA THR C 280 -52.53 7.38 9.64
C THR C 280 -52.45 8.83 9.21
N PRO C 281 -53.06 9.83 9.88
CA PRO C 281 -52.92 11.23 9.50
C PRO C 281 -51.59 11.74 10.07
N HIS C 282 -50.62 10.89 10.39
CA HIS C 282 -49.36 11.38 10.88
C HIS C 282 -48.33 11.15 9.81
N ALA C 283 -48.43 10.06 9.03
CA ALA C 283 -47.45 9.77 7.98
C ALA C 283 -47.56 10.88 6.97
N TRP C 284 -46.38 11.44 6.64
CA TRP C 284 -46.31 12.57 5.71
C TRP C 284 -45.08 12.56 4.80
N TYR C 285 -44.39 11.40 4.81
CA TYR C 285 -43.20 11.24 3.96
C TYR C 285 -43.41 11.28 2.41
N PHE C 286 -44.62 11.01 1.91
CA PHE C 286 -44.78 11.02 0.48
C PHE C 286 -45.09 12.43 0.04
N GLN C 287 -45.64 13.23 0.96
CA GLN C 287 -45.99 14.63 0.71
C GLN C 287 -44.73 15.44 0.81
N GLN C 288 -43.86 14.97 1.66
CA GLN C 288 -42.56 15.55 1.77
C GLN C 288 -41.81 15.35 0.44
N ALA C 289 -41.94 14.14 -0.17
CA ALA C 289 -41.24 13.83 -1.39
C ALA C 289 -41.82 14.65 -2.52
N GLY C 290 -43.14 14.86 -2.56
CA GLY C 290 -43.71 15.71 -3.56
C GLY C 290 -43.14 17.11 -3.41
N ASN C 291 -42.98 17.57 -2.17
CA ASN C 291 -42.44 18.89 -1.96
C ASN C 291 -41.02 19.03 -2.44
N GLY C 292 -40.30 17.99 -2.89
CA GLY C 292 -39.02 18.13 -3.59
C GLY C 292 -39.12 18.94 -4.92
N ILE C 293 -40.25 18.84 -5.60
CA ILE C 293 -40.43 19.64 -6.79
C ILE C 293 -40.42 21.15 -6.56
N PHE C 294 -41.17 21.76 -5.64
CA PHE C 294 -41.14 23.19 -5.48
C PHE C 294 -39.82 23.72 -4.90
N ALA C 295 -39.21 23.09 -3.89
CA ALA C 295 -37.90 23.51 -3.35
C ALA C 295 -36.78 23.40 -4.36
N ARG C 296 -36.67 22.39 -5.22
CA ARG C 296 -35.58 22.34 -6.14
C ARG C 296 -35.93 23.25 -7.31
N GLN C 297 -37.19 23.50 -7.69
CA GLN C 297 -37.47 24.54 -8.69
C GLN C 297 -37.06 25.91 -8.12
N ALA C 298 -37.36 26.25 -6.87
CA ALA C 298 -36.93 27.51 -6.29
C ALA C 298 -35.41 27.70 -6.24
N LEU C 299 -34.67 26.64 -6.02
CA LEU C 299 -33.23 26.68 -5.96
C LEU C 299 -32.67 26.96 -7.32
N LEU C 300 -33.16 26.29 -8.36
CA LEU C 300 -32.69 26.60 -9.69
C LEU C 300 -33.09 28.00 -10.13
N ALA C 301 -34.30 28.48 -9.94
CA ALA C 301 -34.75 29.84 -10.20
C ALA C 301 -33.79 30.93 -9.67
N LEU C 302 -33.48 30.80 -8.39
CA LEU C 302 -32.67 31.79 -7.73
C LEU C 302 -31.26 31.71 -8.16
N VAL C 303 -30.61 30.55 -8.24
CA VAL C 303 -29.24 30.51 -8.68
C VAL C 303 -29.11 30.97 -10.11
N LEU C 304 -30.03 30.72 -11.02
CA LEU C 304 -29.87 31.09 -12.42
C LEU C 304 -30.61 32.29 -12.88
N ASN C 305 -31.37 33.02 -12.07
CA ASN C 305 -32.06 34.24 -12.51
C ASN C 305 -31.61 35.36 -11.62
N ARG C 306 -31.08 36.46 -12.17
CA ARG C 306 -30.45 37.48 -11.31
C ARG C 306 -31.48 38.11 -10.35
N ASP C 307 -32.73 38.36 -10.82
CA ASP C 307 -33.85 38.86 -10.02
C ASP C 307 -35.08 38.08 -10.39
N LEU C 308 -35.87 37.55 -9.47
CA LEU C 308 -37.14 36.96 -9.87
C LEU C 308 -38.16 38.01 -9.40
N VAL C 309 -39.28 38.20 -10.12
CA VAL C 309 -40.43 39.01 -9.68
C VAL C 309 -41.52 37.98 -9.99
N LEU C 310 -42.18 37.59 -8.90
CA LEU C 310 -43.21 36.58 -8.83
C LEU C 310 -43.63 36.65 -7.39
N GLY D 8 29.43 32.03 21.44
CA GLY D 8 28.02 31.77 21.65
C GLY D 8 27.90 30.27 21.65
N VAL D 9 26.77 29.72 22.08
CA VAL D 9 26.62 28.26 22.03
C VAL D 9 26.16 28.04 20.60
N GLU D 10 27.28 27.93 19.87
CA GLU D 10 27.47 27.92 18.43
C GLU D 10 27.27 29.37 17.97
N ALA D 11 27.38 29.64 16.66
CA ALA D 11 27.42 31.00 16.18
C ALA D 11 27.07 31.08 14.73
N ILE D 12 26.27 32.08 14.39
CA ILE D 12 25.96 32.39 13.00
C ILE D 12 25.91 33.92 12.89
N LYS D 13 26.21 34.38 11.68
CA LYS D 13 26.13 35.78 11.38
C LYS D 13 24.64 35.93 11.07
N ARG D 14 24.23 35.66 9.82
CA ARG D 14 22.85 35.77 9.40
C ARG D 14 22.26 34.37 9.54
N GLY D 15 20.94 34.31 9.67
CA GLY D 15 20.25 33.04 9.71
C GLY D 15 19.28 32.81 10.87
N THR D 16 18.96 31.53 11.01
CA THR D 16 18.02 31.11 12.00
C THR D 16 18.54 30.08 12.97
N VAL D 17 18.08 30.32 14.19
CA VAL D 17 18.25 29.37 15.26
C VAL D 17 16.85 29.23 15.88
N ILE D 18 16.39 27.98 15.91
CA ILE D 18 15.10 27.57 16.47
C ILE D 18 15.47 26.89 17.78
N ASP D 19 14.66 27.08 18.79
CA ASP D 19 14.98 26.56 20.10
C ASP D 19 13.76 26.19 20.93
N HIS D 20 13.96 25.21 21.84
CA HIS D 20 13.00 24.60 22.77
C HIS D 20 12.12 23.66 21.95
N ILE D 21 12.85 22.88 21.14
CA ILE D 21 12.22 21.82 20.37
C ILE D 21 12.11 20.63 21.34
N PRO D 22 10.94 20.00 21.52
CA PRO D 22 10.81 18.73 22.23
C PRO D 22 11.70 17.63 21.66
N ALA D 23 12.14 16.76 22.56
CA ALA D 23 12.95 15.65 22.15
C ALA D 23 12.10 14.71 21.33
N GLN D 24 12.84 14.30 20.33
CA GLN D 24 12.34 13.52 19.23
C GLN D 24 11.34 14.30 18.34
N ILE D 25 11.54 15.63 18.32
CA ILE D 25 10.88 16.46 17.30
C ILE D 25 11.91 17.15 16.36
N GLY D 26 13.09 17.52 16.84
CA GLY D 26 14.07 18.19 16.00
C GLY D 26 14.34 17.45 14.69
N PHE D 27 14.56 16.13 14.83
CA PHE D 27 14.83 15.28 13.70
C PHE D 27 13.60 15.17 12.80
N LYS D 28 12.36 15.07 13.28
CA LYS D 28 11.24 15.07 12.36
C LYS D 28 11.21 16.37 11.58
N LEU D 29 11.60 17.47 12.25
CA LEU D 29 11.61 18.83 11.67
C LEU D 29 12.66 19.00 10.58
N LEU D 30 13.80 18.35 10.77
CA LEU D 30 14.81 18.35 9.76
C LEU D 30 14.18 17.71 8.51
N SER D 31 13.45 16.60 8.74
CA SER D 31 12.78 15.82 7.69
C SER D 31 11.72 16.64 6.93
N LEU D 32 10.71 17.05 7.70
CA LEU D 32 9.60 17.85 7.20
C LEU D 32 10.02 19.08 6.41
N PHE D 33 10.85 20.00 6.92
CA PHE D 33 11.09 21.20 6.15
C PHE D 33 12.29 21.00 5.24
N LYS D 34 12.67 19.75 4.98
CA LYS D 34 13.73 19.46 3.99
C LYS D 34 15.05 20.23 4.20
N LEU D 35 15.40 20.54 5.46
CA LEU D 35 16.48 21.48 5.73
C LEU D 35 17.89 20.99 5.41
N THR D 36 17.97 19.79 4.84
CA THR D 36 19.21 19.23 4.34
C THR D 36 19.44 19.64 2.89
N GLU D 37 18.38 19.91 2.15
CA GLU D 37 18.47 20.48 0.82
C GLU D 37 18.95 21.89 1.14
N THR D 38 20.26 22.06 1.22
CA THR D 38 20.87 23.27 1.71
C THR D 38 22.35 22.99 1.53
N ASP D 39 23.17 23.96 1.08
CA ASP D 39 24.59 23.73 1.04
C ASP D 39 25.13 24.47 2.26
N GLN D 40 24.35 25.12 3.11
CA GLN D 40 24.94 25.93 4.15
C GLN D 40 25.10 25.13 5.43
N ARG D 41 25.97 25.64 6.32
CA ARG D 41 26.22 25.08 7.65
C ARG D 41 24.92 24.86 8.40
N ILE D 42 24.82 23.78 9.16
CA ILE D 42 23.69 23.58 10.05
C ILE D 42 24.22 23.03 11.35
N THR D 43 23.80 23.49 12.52
CA THR D 43 24.23 22.79 13.72
C THR D 43 22.97 22.17 14.24
N ILE D 44 23.01 20.93 14.72
CA ILE D 44 21.85 20.32 15.33
C ILE D 44 22.36 19.77 16.64
N GLY D 45 21.62 20.26 17.62
CA GLY D 45 21.79 19.86 19.01
C GLY D 45 20.72 18.86 19.42
N LEU D 46 21.02 17.58 19.17
CA LEU D 46 20.09 16.56 19.59
C LEU D 46 20.26 16.22 21.05
N ASN D 47 19.10 16.48 21.63
CA ASN D 47 18.83 16.01 22.95
C ASN D 47 19.80 16.63 23.95
N LEU D 48 19.87 17.96 23.80
CA LEU D 48 20.62 18.82 24.71
C LEU D 48 19.88 18.95 26.07
N PRO D 49 20.14 19.84 27.05
CA PRO D 49 19.22 20.02 28.16
C PRO D 49 18.14 21.04 27.77
N SER D 50 17.47 21.57 28.83
CA SER D 50 16.40 22.59 28.87
C SER D 50 15.82 22.49 30.31
N GLY D 51 16.53 23.05 31.32
CA GLY D 51 16.22 22.97 32.76
C GLY D 51 14.77 22.63 33.19
N GLU D 52 13.79 23.38 32.66
CA GLU D 52 12.38 23.17 32.96
C GLU D 52 11.84 21.86 32.41
N MET D 53 12.18 21.60 31.16
CA MET D 53 11.72 20.42 30.47
C MET D 53 12.87 19.64 29.84
N GLY D 54 13.80 19.55 30.80
CA GLY D 54 14.98 18.72 30.76
C GLY D 54 15.77 18.71 29.46
N ARG D 55 15.33 18.04 28.41
CA ARG D 55 16.14 17.98 27.22
C ARG D 55 15.33 18.67 26.11
N LYS D 56 16.06 19.46 25.31
CA LYS D 56 15.43 20.02 24.14
C LYS D 56 16.38 19.73 23.00
N ASP D 57 15.83 19.80 21.79
CA ASP D 57 16.64 19.74 20.60
C ASP D 57 16.69 21.19 20.09
N LEU D 58 17.71 21.46 19.29
CA LEU D 58 18.00 22.78 18.78
C LEU D 58 18.58 22.62 17.40
N ILE D 59 18.05 23.42 16.46
CA ILE D 59 18.45 23.44 15.05
C ILE D 59 19.05 24.82 14.65
N LYS D 60 20.19 24.86 13.97
CA LYS D 60 20.83 26.11 13.59
C LYS D 60 21.15 26.18 12.10
N ILE D 61 20.19 26.73 11.36
CA ILE D 61 20.31 26.86 9.90
C ILE D 61 21.08 28.16 9.68
N GLU D 62 22.32 28.09 9.24
CA GLU D 62 23.07 29.32 9.04
C GLU D 62 22.72 29.99 7.68
N ASN D 63 22.62 31.33 7.75
CA ASN D 63 22.35 32.25 6.64
C ASN D 63 21.25 31.72 5.75
N THR D 64 20.12 31.51 6.44
CA THR D 64 18.87 30.96 5.92
C THR D 64 17.80 31.34 6.94
N PHE D 65 16.57 31.62 6.52
CA PHE D 65 15.51 31.99 7.45
C PHE D 65 14.30 31.20 7.06
N LEU D 66 13.30 31.01 7.93
CA LEU D 66 12.11 30.25 7.56
C LEU D 66 10.96 30.98 6.86
N SER D 67 10.30 30.40 5.86
CA SER D 67 9.09 31.01 5.28
C SER D 67 7.81 30.58 6.02
N GLU D 68 6.83 31.47 5.86
CA GLU D 68 5.53 31.46 6.52
C GLU D 68 4.97 30.13 7.06
N ASP D 69 4.59 29.35 6.04
CA ASP D 69 4.16 27.94 6.07
C ASP D 69 4.90 27.02 7.06
N GLN D 70 6.24 27.04 7.00
CA GLN D 70 7.05 26.21 7.87
C GLN D 70 6.83 26.65 9.31
N VAL D 71 6.72 27.96 9.59
CA VAL D 71 6.61 28.44 10.97
C VAL D 71 5.21 28.18 11.52
N ASP D 72 4.23 28.19 10.59
CA ASP D 72 2.87 27.83 10.94
C ASP D 72 2.83 26.35 11.25
N GLN D 73 3.53 25.51 10.48
CA GLN D 73 3.63 24.09 10.79
C GLN D 73 4.28 23.91 12.16
N LEU D 74 5.39 24.66 12.35
CA LEU D 74 6.20 24.67 13.55
C LEU D 74 5.21 25.00 14.64
N ALA D 75 4.26 25.90 14.46
CA ALA D 75 3.32 26.14 15.54
C ALA D 75 2.57 24.86 15.90
N LEU D 76 2.14 24.10 14.89
CA LEU D 76 1.44 22.84 15.09
C LEU D 76 2.36 21.64 15.41
N TYR D 77 3.69 21.71 15.27
CA TYR D 77 4.53 20.62 15.71
C TYR D 77 5.35 20.91 16.97
N ALA D 78 5.44 22.17 17.43
CA ALA D 78 6.34 22.54 18.52
C ALA D 78 5.97 23.93 19.03
N PRO D 79 4.88 24.05 19.81
CA PRO D 79 4.38 25.31 20.34
C PRO D 79 5.30 25.90 21.42
N GLN D 80 6.42 25.21 21.69
CA GLN D 80 7.37 25.55 22.76
C GLN D 80 8.51 26.38 22.18
N ALA D 81 8.85 25.94 20.94
CA ALA D 81 9.96 26.44 20.20
C ALA D 81 9.79 27.92 20.06
N THR D 82 10.94 28.54 19.83
CA THR D 82 10.99 29.97 19.61
C THR D 82 12.05 30.10 18.51
N VAL D 83 11.71 30.98 17.56
CA VAL D 83 12.54 31.18 16.38
C VAL D 83 13.16 32.59 16.36
N ASN D 84 14.49 32.56 16.20
CA ASN D 84 15.33 33.73 16.32
C ASN D 84 16.03 34.15 15.04
N ARG D 85 15.61 35.28 14.52
CA ARG D 85 16.22 35.92 13.36
C ARG D 85 17.49 36.62 13.81
N ILE D 86 18.59 36.00 13.37
CA ILE D 86 19.91 36.44 13.72
C ILE D 86 20.52 37.09 12.48
N ASP D 87 20.84 38.38 12.46
CA ASP D 87 21.57 38.99 11.34
C ASP D 87 22.81 39.66 11.92
N ASN D 88 23.93 39.42 11.19
CA ASN D 88 25.29 39.75 11.62
C ASN D 88 25.44 39.56 13.13
N TYR D 89 25.09 38.33 13.49
CA TYR D 89 25.15 37.79 14.82
C TYR D 89 24.10 38.46 15.69
N GLU D 90 23.54 39.63 15.39
CA GLU D 90 22.58 40.22 16.32
C GLU D 90 21.20 39.56 16.09
N VAL D 91 20.59 39.17 17.21
CA VAL D 91 19.25 38.56 17.25
C VAL D 91 18.24 39.69 16.96
N VAL D 92 18.22 40.07 15.70
CA VAL D 92 17.38 41.13 15.16
C VAL D 92 15.90 40.94 15.49
N GLY D 93 15.50 39.68 15.77
CA GLY D 93 14.15 39.34 16.22
C GLY D 93 14.06 37.91 16.75
N LYS D 94 13.36 37.68 17.88
CA LYS D 94 13.12 36.33 18.44
C LYS D 94 11.61 36.36 18.63
N SER D 95 10.93 35.52 17.87
CA SER D 95 9.48 35.39 17.81
C SER D 95 9.06 33.93 17.99
N ARG D 96 8.01 33.71 18.78
CA ARG D 96 7.51 32.37 19.06
C ARG D 96 6.29 32.23 18.12
N PRO D 97 5.86 31.05 17.69
CA PRO D 97 4.73 30.90 16.78
C PRO D 97 3.35 30.93 17.45
N SER D 98 2.41 31.49 16.71
CA SER D 98 1.01 31.45 17.09
C SER D 98 0.34 30.60 16.00
N LEU D 99 -0.58 29.71 16.32
CA LEU D 99 -1.31 28.90 15.37
C LEU D 99 -2.03 29.67 14.28
N PRO D 100 -2.20 29.17 13.05
CA PRO D 100 -3.03 29.86 12.06
C PRO D 100 -4.47 29.35 12.00
N GLU D 101 -5.16 29.97 11.06
CA GLU D 101 -6.52 29.60 10.76
C GLU D 101 -6.49 28.34 9.91
N ARG D 102 -5.62 28.29 8.89
CA ARG D 102 -5.74 27.17 8.00
C ARG D 102 -4.45 26.49 7.65
N ILE D 103 -4.27 25.15 7.55
CA ILE D 103 -3.02 24.55 7.10
C ILE D 103 -3.23 23.88 5.76
N ASP D 104 -2.50 24.23 4.70
CA ASP D 104 -2.65 23.62 3.39
C ASP D 104 -1.49 22.69 3.07
N ASN D 105 -1.69 21.89 2.04
CA ASN D 105 -0.72 20.93 1.53
C ASN D 105 0.23 20.12 2.42
N VAL D 106 0.12 19.96 3.75
CA VAL D 106 0.88 18.92 4.45
C VAL D 106 0.06 17.95 5.26
N LEU D 107 -1.06 18.32 5.91
CA LEU D 107 -1.73 17.31 6.75
C LEU D 107 -2.48 16.40 5.80
N VAL D 108 -2.70 15.14 6.16
CA VAL D 108 -3.48 14.25 5.31
C VAL D 108 -4.77 13.92 6.03
N CYS D 109 -5.96 14.18 5.44
CA CYS D 109 -7.22 13.91 6.10
C CYS D 109 -7.47 12.44 6.46
N PRO D 110 -7.78 12.18 7.74
CA PRO D 110 -8.13 10.88 8.32
C PRO D 110 -9.28 10.10 7.68
N ASN D 111 -10.23 10.74 7.02
CA ASN D 111 -11.37 10.04 6.46
C ASN D 111 -10.97 9.30 5.18
N SER D 112 -11.07 7.97 5.20
CA SER D 112 -10.72 7.07 4.10
C SER D 112 -11.40 7.52 2.82
N ASN D 113 -12.68 7.90 3.00
CA ASN D 113 -13.56 8.30 1.92
C ASN D 113 -13.48 9.78 1.59
N CYS D 114 -12.43 10.51 1.98
CA CYS D 114 -12.37 11.90 1.59
C CYS D 114 -11.86 11.99 0.16
N ILE D 115 -12.56 12.76 -0.72
CA ILE D 115 -12.19 12.95 -2.12
C ILE D 115 -10.75 13.44 -2.28
N SER D 116 -10.25 14.23 -1.33
CA SER D 116 -8.90 14.74 -1.29
C SER D 116 -7.84 13.70 -1.65
N HIS D 117 -8.03 12.47 -1.20
CA HIS D 117 -7.13 11.40 -1.54
C HIS D 117 -7.07 11.11 -3.05
N ALA D 118 -8.15 10.62 -3.63
CA ALA D 118 -8.16 10.23 -5.02
C ALA D 118 -7.92 11.35 -6.06
N GLU D 119 -7.94 12.62 -5.73
CA GLU D 119 -8.02 13.62 -6.77
C GLU D 119 -6.94 14.65 -6.64
N PRO D 120 -6.52 15.35 -7.72
CA PRO D 120 -5.43 16.33 -7.72
C PRO D 120 -5.63 17.58 -6.87
N VAL D 121 -6.02 17.57 -5.59
CA VAL D 121 -6.13 18.80 -4.85
C VAL D 121 -5.22 18.81 -3.66
N SER D 122 -4.67 19.98 -3.44
CA SER D 122 -3.86 20.27 -2.27
C SER D 122 -4.78 20.20 -1.05
N SER D 123 -4.47 19.51 0.04
CA SER D 123 -5.33 19.52 1.24
C SER D 123 -5.43 20.88 1.98
N SER D 124 -6.46 21.05 2.80
CA SER D 124 -6.56 22.27 3.56
C SER D 124 -7.40 21.97 4.80
N PHE D 125 -6.93 22.49 5.94
CA PHE D 125 -7.55 22.30 7.23
C PHE D 125 -7.84 23.59 8.03
N ALA D 126 -9.06 23.75 8.58
CA ALA D 126 -9.36 24.91 9.41
C ALA D 126 -8.93 24.55 10.83
N VAL D 127 -8.43 25.52 11.64
CA VAL D 127 -7.88 25.24 12.98
C VAL D 127 -8.60 25.92 14.18
N ARG D 128 -9.48 25.19 14.87
CA ARG D 128 -10.17 25.71 16.04
C ARG D 128 -9.34 25.17 17.19
N LYS D 129 -8.76 26.13 17.89
CA LYS D 129 -7.99 25.77 19.07
C LYS D 129 -9.09 25.52 20.11
N ARG D 130 -9.25 24.27 20.49
CA ARG D 130 -10.17 23.86 21.55
C ARG D 130 -9.42 23.99 22.89
N ALA D 131 -10.15 24.22 23.99
CA ALA D 131 -9.54 24.21 25.34
C ALA D 131 -8.77 22.90 25.64
N ASN D 132 -9.27 21.85 24.99
CA ASN D 132 -8.61 20.58 25.07
C ASN D 132 -7.39 20.55 24.16
N ASP D 133 -7.60 20.88 22.88
CA ASP D 133 -6.55 20.63 21.90
C ASP D 133 -6.76 21.37 20.58
N ILE D 134 -6.20 20.89 19.47
CA ILE D 134 -6.34 21.59 18.22
C ILE D 134 -7.35 20.82 17.37
N ALA D 135 -8.55 21.35 17.08
CA ALA D 135 -9.52 20.74 16.17
C ALA D 135 -9.24 21.24 14.76
N LEU D 136 -9.02 20.25 13.90
CA LEU D 136 -8.70 20.54 12.51
C LEU D 136 -9.91 20.10 11.71
N LYS D 137 -10.40 20.96 10.79
CA LYS D 137 -11.55 20.60 9.97
C LYS D 137 -11.10 20.52 8.50
N CYS D 138 -11.37 19.42 7.79
CA CYS D 138 -11.05 19.27 6.40
C CYS D 138 -11.84 20.28 5.57
N LYS D 139 -11.20 20.76 4.54
CA LYS D 139 -11.85 21.65 3.62
C LYS D 139 -12.92 20.89 2.87
N TYR D 140 -12.64 19.64 2.52
CA TYR D 140 -13.47 18.85 1.64
C TYR D 140 -14.57 18.10 2.32
N CYS D 141 -14.29 17.16 3.19
CA CYS D 141 -15.38 16.38 3.70
C CYS D 141 -16.15 17.04 4.84
N GLU D 142 -15.67 18.24 5.26
CA GLU D 142 -16.15 18.99 6.38
C GLU D 142 -16.05 18.28 7.74
N LYS D 143 -15.34 17.18 7.89
CA LYS D 143 -15.14 16.54 9.19
C LYS D 143 -14.06 17.28 9.98
N GLU D 144 -14.20 17.20 11.28
CA GLU D 144 -13.30 17.85 12.21
C GLU D 144 -12.61 16.69 12.90
N PHE D 145 -11.35 16.81 13.23
CA PHE D 145 -10.68 15.73 13.94
C PHE D 145 -9.86 16.38 15.06
N SER D 146 -9.37 15.48 15.93
CA SER D 146 -8.42 15.87 16.96
C SER D 146 -7.09 16.02 16.27
N HIS D 147 -6.33 17.09 16.59
CA HIS D 147 -5.03 17.25 15.97
C HIS D 147 -4.14 16.06 16.21
N ASN D 148 -4.44 15.26 17.21
CA ASN D 148 -3.62 14.10 17.44
C ASN D 148 -3.95 13.05 16.39
N VAL D 149 -5.25 12.94 16.01
CA VAL D 149 -5.69 11.99 14.98
C VAL D 149 -4.90 12.31 13.71
N VAL D 150 -4.91 13.61 13.39
CA VAL D 150 -4.28 14.09 12.17
C VAL D 150 -2.76 13.98 12.24
N LEU D 151 -2.07 14.59 13.19
CA LEU D 151 -0.63 14.58 13.13
C LEU D 151 0.06 13.28 13.29
N ALA D 152 -0.74 12.24 13.53
CA ALA D 152 -0.28 10.87 13.61
C ALA D 152 0.55 10.35 12.41
N ASN D 153 1.81 10.48 12.78
CA ASN D 153 2.99 9.97 12.09
C ASN D 153 3.18 8.45 12.38
#